data_1ISW
#
_entry.id   1ISW
#
_cell.length_a   74.960
_cell.length_b   94.260
_cell.length_c   137.990
_cell.angle_alpha   90.00
_cell.angle_beta   90.00
_cell.angle_gamma   90.00
#
_symmetry.space_group_name_H-M   'P 21 21 21'
#
loop_
_entity.id
_entity.type
_entity.pdbx_description
1 polymer endo-1,4-beta-D-xylanase
2 branched beta-D-xylopyranose-(1-4)-beta-D-xylopyranose
3 non-polymer beta-D-xylopyranose
4 water water
#
_entity_poly.entity_id   1
_entity_poly.type   'polypeptide(L)'
_entity_poly.pdbx_seq_one_letter_code
;AESTLGAAAAQSGRYFGTAIASGKLGDSAYTTIASREFNMVTAENEMKIDATEPQRGQFNFSAGDRVYNWAVQNGKQVRG
HTLAWHSQQPGWMQSLSGSTLRQAMIDHINGVMGHYKGKIAQWDVVNEAFSDDGSGGRRDSNLQRTGNDWIEVAFRTARA
ADPAAKLCYNDYNIENWTWAKTQGVYNMVRDFKQRGVPIDCVGFQSHFNSGSPYNSNFRTTLQNFAALGVDVAITELDIQ
GASSSTYAAVTNDCLAVSRCLGITVWGVRDTDSWRSGDTPLLFNGDGSKKAAYTAVLNALNGGSSTPPPSGGGQIKGVGS
GRCLDVPNASTTDGTQVQLYDCHSATNQQWTYTDAGELRVYGDKCLDAAGTGNGTKVQIYSCWGGDNQKWRLNSDGSIVG
VQSGLCLDAVGGGTANGTLIQLYSCSNGSNQRWTRT
;
_entity_poly.pdbx_strand_id   A,B
#
# COMPACT_ATOMS: atom_id res chain seq x y z
N ALA A 1 3.53 6.76 33.36
CA ALA A 1 3.13 5.81 32.28
C ALA A 1 3.21 6.49 30.93
N GLU A 2 3.85 5.83 29.97
CA GLU A 2 3.97 6.43 28.64
C GLU A 2 4.46 5.48 27.55
N SER A 3 4.18 4.19 27.69
CA SER A 3 4.57 3.22 26.69
C SER A 3 3.37 2.84 25.83
N THR A 4 2.17 3.26 26.26
CA THR A 4 0.95 2.99 25.53
C THR A 4 0.20 4.31 25.33
N LEU A 5 -0.65 4.37 24.30
CA LEU A 5 -1.41 5.59 24.01
C LEU A 5 -2.29 6.01 25.17
N GLY A 6 -3.03 5.06 25.72
CA GLY A 6 -3.92 5.37 26.83
C GLY A 6 -3.17 6.02 27.99
N ALA A 7 -2.06 5.41 28.40
CA ALA A 7 -1.27 5.93 29.51
C ALA A 7 -0.64 7.28 29.18
N ALA A 8 -0.15 7.43 27.95
CA ALA A 8 0.45 8.70 27.55
C ALA A 8 -0.60 9.81 27.60
N ALA A 9 -1.81 9.52 27.14
CA ALA A 9 -2.86 10.51 27.16
C ALA A 9 -3.21 10.86 28.61
N ALA A 10 -3.26 9.84 29.46
CA ALA A 10 -3.61 10.02 30.85
C ALA A 10 -2.71 11.02 31.58
N GLN A 11 -1.47 11.18 31.10
CA GLN A 11 -0.53 12.10 31.72
C GLN A 11 -1.06 13.52 31.74
N SER A 12 -1.84 13.88 30.72
CA SER A 12 -2.39 15.22 30.63
C SER A 12 -3.86 15.25 31.00
N GLY A 13 -4.33 14.22 31.68
CA GLY A 13 -5.72 14.16 32.10
C GLY A 13 -6.68 13.76 31.00
N ARG A 14 -6.13 13.37 29.85
CA ARG A 14 -6.96 12.97 28.72
C ARG A 14 -7.03 11.45 28.54
N TYR A 15 -7.72 11.01 27.50
CA TYR A 15 -7.85 9.59 27.21
C TYR A 15 -7.54 9.33 25.75
N PHE A 16 -7.26 8.07 25.42
CA PHE A 16 -7.04 7.71 24.03
C PHE A 16 -7.91 6.47 23.88
N GLY A 17 -8.95 6.59 23.06
CA GLY A 17 -9.85 5.47 22.89
C GLY A 17 -9.93 4.90 21.49
N THR A 18 -10.86 3.97 21.32
CA THR A 18 -11.06 3.32 20.03
C THR A 18 -12.52 2.86 19.92
N ALA A 19 -12.88 2.34 18.75
CA ALA A 19 -14.22 1.83 18.53
C ALA A 19 -14.07 0.32 18.61
N ILE A 20 -14.83 -0.31 19.50
CA ILE A 20 -14.79 -1.75 19.69
C ILE A 20 -15.94 -2.49 19.01
N ALA A 21 -15.60 -3.51 18.24
CA ALA A 21 -16.60 -4.32 17.54
C ALA A 21 -16.82 -5.56 18.39
N SER A 22 -18.03 -5.71 18.91
CA SER A 22 -18.36 -6.85 19.76
C SER A 22 -17.93 -8.21 19.18
N GLY A 23 -18.06 -8.35 17.86
CA GLY A 23 -17.71 -9.61 17.22
C GLY A 23 -16.24 -9.96 17.25
N LYS A 24 -15.38 -8.97 17.44
CA LYS A 24 -13.94 -9.20 17.47
C LYS A 24 -13.38 -9.42 18.88
N LEU A 25 -14.22 -9.30 19.90
CA LEU A 25 -13.76 -9.49 21.27
C LEU A 25 -13.32 -10.92 21.57
N GLY A 26 -13.55 -11.82 20.61
CA GLY A 26 -13.14 -13.21 20.80
C GLY A 26 -11.85 -13.51 20.08
N ASP A 27 -11.26 -12.48 19.46
CA ASP A 27 -10.00 -12.60 18.73
C ASP A 27 -8.90 -12.01 19.62
N SER A 28 -8.12 -12.89 20.25
CA SER A 28 -7.06 -12.44 21.16
C SER A 28 -6.08 -11.44 20.55
N ALA A 29 -5.77 -11.57 19.27
CA ALA A 29 -4.86 -10.62 18.63
C ALA A 29 -5.50 -9.23 18.69
N TYR A 30 -6.82 -9.19 18.51
CA TYR A 30 -7.57 -7.94 18.54
C TYR A 30 -7.60 -7.40 19.97
N THR A 31 -8.08 -8.22 20.91
CA THR A 31 -8.18 -7.81 22.30
C THR A 31 -6.84 -7.54 22.97
N THR A 32 -5.76 -8.17 22.50
CA THR A 32 -4.46 -7.95 23.11
C THR A 32 -4.05 -6.50 22.85
N ILE A 33 -4.26 -6.04 21.63
CA ILE A 33 -3.94 -4.66 21.27
C ILE A 33 -4.89 -3.68 21.98
N ALA A 34 -6.19 -3.86 21.78
CA ALA A 34 -7.21 -2.98 22.35
C ALA A 34 -7.15 -2.76 23.87
N SER A 35 -7.02 -3.83 24.63
CA SER A 35 -6.97 -3.71 26.09
C SER A 35 -5.72 -2.98 26.60
N ARG A 36 -4.64 -3.11 25.84
CA ARG A 36 -3.37 -2.50 26.21
C ARG A 36 -3.23 -1.02 25.85
N GLU A 37 -3.66 -0.67 24.65
CA GLU A 37 -3.51 0.69 24.14
C GLU A 37 -4.55 1.74 24.47
N PHE A 38 -5.78 1.33 24.78
CA PHE A 38 -6.85 2.29 25.00
C PHE A 38 -7.54 2.28 26.38
N ASN A 39 -7.94 3.47 26.84
CA ASN A 39 -8.63 3.60 28.11
C ASN A 39 -10.02 4.23 27.97
N MET A 40 -10.51 4.26 26.73
CA MET A 40 -11.85 4.77 26.42
C MET A 40 -12.38 3.88 25.30
N VAL A 41 -13.65 3.52 25.39
CA VAL A 41 -14.27 2.66 24.38
C VAL A 41 -15.60 3.19 23.88
N THR A 42 -15.83 3.02 22.59
CA THR A 42 -17.08 3.41 21.94
C THR A 42 -17.53 2.13 21.21
N ALA A 43 -18.80 1.74 21.39
CA ALA A 43 -19.30 0.55 20.71
C ALA A 43 -19.46 0.96 19.25
N GLU A 44 -18.75 0.28 18.35
CA GLU A 44 -18.82 0.62 16.93
C GLU A 44 -20.24 0.63 16.36
N ASN A 45 -21.11 -0.23 16.87
CA ASN A 45 -22.49 -0.30 16.36
C ASN A 45 -23.50 -0.81 17.37
N GLU A 46 -23.03 -1.51 18.39
CA GLU A 46 -23.89 -2.13 19.39
C GLU A 46 -24.84 -1.25 20.21
N MET A 47 -24.60 0.06 20.25
CA MET A 47 -25.46 0.96 21.02
C MET A 47 -26.24 1.92 20.14
N LYS A 48 -26.30 1.61 18.85
CA LYS A 48 -27.03 2.46 17.92
C LYS A 48 -28.54 2.17 18.01
N ILE A 49 -29.35 3.01 17.38
CA ILE A 49 -30.80 2.87 17.42
C ILE A 49 -31.31 1.49 17.01
N ASP A 50 -30.99 1.05 15.81
CA ASP A 50 -31.46 -0.24 15.32
C ASP A 50 -31.00 -1.43 16.15
N ALA A 51 -29.85 -1.30 16.81
CA ALA A 51 -29.30 -2.38 17.61
C ALA A 51 -29.87 -2.44 19.02
N THR A 52 -30.32 -1.31 19.54
CA THR A 52 -30.84 -1.29 20.91
C THR A 52 -32.36 -1.29 21.00
N GLU A 53 -33.04 -1.01 19.91
CA GLU A 53 -34.50 -1.01 19.91
C GLU A 53 -34.95 -1.50 18.53
N PRO A 54 -34.73 -2.80 18.25
CA PRO A 54 -35.12 -3.40 16.97
C PRO A 54 -36.61 -3.30 16.73
N GLN A 55 -37.36 -3.25 17.83
CA GLN A 55 -38.80 -3.15 17.79
C GLN A 55 -39.14 -2.06 18.79
N ARG A 56 -40.04 -1.15 18.44
CA ARG A 56 -40.40 -0.07 19.34
C ARG A 56 -40.90 -0.61 20.68
N GLY A 57 -40.27 -0.15 21.77
CA GLY A 57 -40.66 -0.61 23.09
C GLY A 57 -39.98 -1.91 23.47
N GLN A 58 -39.32 -2.54 22.51
CA GLN A 58 -38.61 -3.80 22.73
C GLN A 58 -37.10 -3.56 22.70
N PHE A 59 -36.51 -3.28 23.86
CA PHE A 59 -35.08 -3.00 23.96
C PHE A 59 -34.20 -4.22 24.12
N ASN A 60 -33.11 -4.24 23.35
CA ASN A 60 -32.15 -5.34 23.36
C ASN A 60 -30.76 -4.77 23.62
N PHE A 61 -30.33 -4.81 24.88
CA PHE A 61 -29.02 -4.29 25.27
C PHE A 61 -27.92 -5.35 25.37
N SER A 62 -28.15 -6.51 24.77
CA SER A 62 -27.19 -7.60 24.83
C SER A 62 -25.81 -7.27 24.26
N ALA A 63 -25.74 -7.01 22.97
CA ALA A 63 -24.47 -6.68 22.32
C ALA A 63 -23.83 -5.45 22.94
N GLY A 64 -24.67 -4.46 23.27
CA GLY A 64 -24.18 -3.23 23.86
C GLY A 64 -23.51 -3.43 25.21
N ASP A 65 -24.16 -4.20 26.09
CA ASP A 65 -23.60 -4.45 27.41
C ASP A 65 -22.34 -5.29 27.29
N ARG A 66 -22.28 -6.13 26.27
CA ARG A 66 -21.11 -6.98 26.06
C ARG A 66 -19.90 -6.05 25.92
N VAL A 67 -20.05 -5.01 25.11
CA VAL A 67 -18.98 -4.04 24.90
C VAL A 67 -18.74 -3.23 26.16
N TYR A 68 -19.81 -2.76 26.78
CA TYR A 68 -19.68 -1.99 28.01
C TYR A 68 -18.90 -2.74 29.09
N ASN A 69 -19.31 -3.98 29.36
CA ASN A 69 -18.66 -4.81 30.37
C ASN A 69 -17.18 -5.03 30.09
N TRP A 70 -16.85 -5.39 28.86
CA TRP A 70 -15.46 -5.62 28.48
C TRP A 70 -14.65 -4.35 28.75
N ALA A 71 -15.23 -3.21 28.39
CA ALA A 71 -14.56 -1.94 28.59
C ALA A 71 -14.23 -1.70 30.06
N VAL A 72 -15.25 -1.70 30.91
CA VAL A 72 -15.07 -1.46 32.33
C VAL A 72 -14.14 -2.48 32.98
N GLN A 73 -14.34 -3.76 32.67
CA GLN A 73 -13.51 -4.81 33.23
C GLN A 73 -12.05 -4.65 32.83
N ASN A 74 -11.81 -3.94 31.73
CA ASN A 74 -10.46 -3.71 31.27
C ASN A 74 -9.95 -2.31 31.51
N GLY A 75 -10.60 -1.59 32.43
CA GLY A 75 -10.16 -0.25 32.77
C GLY A 75 -10.40 0.86 31.76
N LYS A 76 -11.52 0.79 31.04
CA LYS A 76 -11.86 1.81 30.06
C LYS A 76 -13.20 2.48 30.33
N GLN A 77 -13.28 3.79 30.07
CA GLN A 77 -14.53 4.51 30.24
C GLN A 77 -15.29 4.26 28.94
N VAL A 78 -16.51 4.75 28.85
CA VAL A 78 -17.31 4.51 27.65
C VAL A 78 -18.06 5.73 27.08
N ARG A 79 -18.07 5.84 25.76
CA ARG A 79 -18.80 6.90 25.08
C ARG A 79 -20.01 6.21 24.46
N GLY A 80 -21.21 6.60 24.85
CA GLY A 80 -22.41 6.01 24.27
C GLY A 80 -22.63 6.57 22.88
N HIS A 81 -22.88 5.69 21.91
CA HIS A 81 -23.06 6.12 20.52
C HIS A 81 -24.09 5.23 19.81
N THR A 82 -25.22 5.79 19.35
CA THR A 82 -25.63 7.20 19.46
C THR A 82 -27.16 7.15 19.64
N LEU A 83 -27.74 8.19 20.25
CA LEU A 83 -29.19 8.21 20.54
C LEU A 83 -30.22 8.73 19.53
N ALA A 84 -29.91 9.78 18.79
CA ALA A 84 -30.85 10.33 17.80
C ALA A 84 -30.09 10.57 16.51
N TRP A 85 -30.41 9.80 15.48
CA TRP A 85 -29.69 9.90 14.21
C TRP A 85 -30.59 9.47 13.06
N HIS A 86 -30.39 10.10 11.90
CA HIS A 86 -31.19 9.78 10.72
C HIS A 86 -30.76 8.46 10.11
N SER A 87 -29.52 8.06 10.40
CA SER A 87 -28.98 6.83 9.87
C SER A 87 -29.03 5.67 10.86
N GLN A 88 -29.00 4.46 10.31
CA GLN A 88 -29.06 3.22 11.09
C GLN A 88 -30.21 3.12 12.09
N GLN A 89 -31.40 3.52 11.65
CA GLN A 89 -32.59 3.45 12.51
C GLN A 89 -33.30 2.16 12.15
N PRO A 90 -34.03 1.56 13.10
CA PRO A 90 -34.75 0.32 12.82
C PRO A 90 -35.73 0.59 11.68
N GLY A 91 -36.10 -0.46 10.94
CA GLY A 91 -37.03 -0.28 9.84
C GLY A 91 -38.32 0.42 10.25
N TRP A 92 -38.80 0.14 11.45
CA TRP A 92 -40.03 0.74 11.94
C TRP A 92 -39.94 2.24 12.17
N MET A 93 -38.80 2.70 12.66
CA MET A 93 -38.60 4.12 12.92
C MET A 93 -38.39 4.92 11.64
N GLN A 94 -37.82 4.26 10.63
CA GLN A 94 -37.57 4.92 9.35
C GLN A 94 -38.87 5.27 8.63
N SER A 95 -39.97 4.72 9.11
CA SER A 95 -41.27 4.98 8.49
C SER A 95 -42.07 6.00 9.27
N LEU A 96 -41.71 6.21 10.52
CA LEU A 96 -42.42 7.18 11.35
C LEU A 96 -42.10 8.61 10.92
N SER A 97 -42.96 9.54 11.34
CA SER A 97 -42.77 10.95 11.02
C SER A 97 -43.55 11.81 12.00
N GLY A 98 -43.33 13.12 11.92
CA GLY A 98 -44.03 14.04 12.80
C GLY A 98 -44.13 13.64 14.26
N SER A 99 -45.29 13.88 14.85
CA SER A 99 -45.56 13.58 16.25
C SER A 99 -45.19 12.17 16.71
N THR A 100 -45.54 11.15 15.93
CA THR A 100 -45.22 9.79 16.30
C THR A 100 -43.71 9.61 16.39
N LEU A 101 -42.99 10.03 15.36
CA LEU A 101 -41.54 9.90 15.33
C LEU A 101 -40.90 10.64 16.50
N ARG A 102 -41.31 11.88 16.72
CA ARG A 102 -40.78 12.68 17.81
C ARG A 102 -40.92 11.93 19.13
N GLN A 103 -42.06 11.26 19.29
CA GLN A 103 -42.32 10.50 20.50
C GLN A 103 -41.41 9.28 20.62
N ALA A 104 -41.23 8.58 19.50
CA ALA A 104 -40.37 7.41 19.49
C ALA A 104 -38.96 7.81 19.89
N MET A 105 -38.51 8.98 19.39
CA MET A 105 -37.18 9.49 19.70
C MET A 105 -37.00 9.65 21.19
N ILE A 106 -37.95 10.33 21.81
CA ILE A 106 -37.92 10.57 23.24
C ILE A 106 -37.86 9.25 24.00
N ASP A 107 -38.78 8.36 23.65
CA ASP A 107 -38.85 7.06 24.29
C ASP A 107 -37.50 6.33 24.17
N HIS A 108 -36.97 6.28 22.95
CA HIS A 108 -35.69 5.63 22.73
C HIS A 108 -34.60 6.19 23.65
N ILE A 109 -34.45 7.52 23.64
CA ILE A 109 -33.45 8.17 24.47
C ILE A 109 -33.60 7.77 25.94
N ASN A 110 -34.85 7.71 26.41
CA ASN A 110 -35.11 7.34 27.79
C ASN A 110 -34.77 5.88 28.05
N GLY A 111 -35.13 5.03 27.10
CA GLY A 111 -34.86 3.61 27.25
C GLY A 111 -33.37 3.29 27.37
N VAL A 112 -32.59 3.70 26.38
CA VAL A 112 -31.16 3.43 26.38
C VAL A 112 -30.40 4.09 27.54
N MET A 113 -30.59 5.39 27.72
CA MET A 113 -29.90 6.10 28.81
C MET A 113 -30.36 5.59 30.17
N GLY A 114 -31.62 5.15 30.24
CA GLY A 114 -32.11 4.62 31.50
C GLY A 114 -31.30 3.39 31.84
N HIS A 115 -31.23 2.47 30.87
CA HIS A 115 -30.48 1.22 31.06
C HIS A 115 -29.01 1.46 31.44
N TYR A 116 -28.41 2.46 30.81
CA TYR A 116 -26.99 2.78 31.06
C TYR A 116 -26.75 3.91 32.04
N LYS A 117 -27.82 4.48 32.58
CA LYS A 117 -27.72 5.59 33.51
C LYS A 117 -26.58 5.49 34.53
N GLY A 118 -25.73 6.52 34.54
CA GLY A 118 -24.62 6.56 35.48
C GLY A 118 -23.42 5.72 35.10
N LYS A 119 -23.41 5.17 33.90
CA LYS A 119 -22.30 4.33 33.48
C LYS A 119 -21.55 4.89 32.27
N ILE A 120 -22.17 5.83 31.57
CA ILE A 120 -21.59 6.43 30.37
C ILE A 120 -20.97 7.81 30.62
N ALA A 121 -19.71 7.96 30.25
CA ALA A 121 -19.00 9.22 30.43
C ALA A 121 -19.52 10.29 29.47
N GLN A 122 -19.69 9.88 28.21
CA GLN A 122 -20.18 10.79 27.18
C GLN A 122 -21.19 10.10 26.29
N TRP A 123 -22.25 10.81 25.95
CA TRP A 123 -23.28 10.28 25.08
C TRP A 123 -23.38 11.16 23.85
N ASP A 124 -23.35 10.55 22.66
CA ASP A 124 -23.53 11.30 21.44
C ASP A 124 -25.05 11.24 21.34
N VAL A 125 -25.71 12.26 21.88
CA VAL A 125 -27.17 12.31 21.87
C VAL A 125 -27.67 12.45 20.45
N VAL A 126 -27.19 13.47 19.76
CA VAL A 126 -27.58 13.71 18.38
C VAL A 126 -26.36 13.58 17.48
N ASN A 127 -26.54 12.88 16.38
CA ASN A 127 -25.45 12.66 15.45
C ASN A 127 -25.76 13.12 14.03
N GLU A 128 -24.81 13.84 13.43
CA GLU A 128 -24.91 14.33 12.04
C GLU A 128 -26.23 15.00 11.65
N ALA A 129 -26.56 16.09 12.34
CA ALA A 129 -27.81 16.82 12.07
C ALA A 129 -27.70 17.91 11.00
N PHE A 130 -26.53 18.08 10.41
CA PHE A 130 -26.36 19.11 9.40
C PHE A 130 -25.96 18.55 8.04
N SER A 131 -26.36 19.22 6.96
CA SER A 131 -26.07 18.76 5.61
C SER A 131 -24.70 19.19 5.10
N ASP A 132 -24.29 18.58 3.98
CA ASP A 132 -23.00 18.89 3.37
C ASP A 132 -23.12 19.71 2.10
N ASP A 133 -24.31 20.21 1.79
CA ASP A 133 -24.49 20.98 0.57
C ASP A 133 -23.78 22.34 0.53
N GLY A 134 -23.41 22.86 1.70
CA GLY A 134 -22.73 24.14 1.74
C GLY A 134 -23.60 25.26 2.29
N SER A 135 -24.88 24.95 2.47
CA SER A 135 -25.83 25.94 2.99
C SER A 135 -25.59 26.18 4.47
N GLY A 136 -25.07 25.16 5.15
CA GLY A 136 -24.81 25.29 6.58
C GLY A 136 -26.05 25.00 7.39
N GLY A 137 -27.09 24.47 6.74
CA GLY A 137 -28.33 24.16 7.42
C GLY A 137 -28.55 22.70 7.73
N ARG A 138 -29.64 22.40 8.44
CA ARG A 138 -29.99 21.03 8.83
C ARG A 138 -30.20 20.14 7.61
N ARG A 139 -29.81 18.87 7.72
CA ARG A 139 -30.01 17.94 6.61
C ARG A 139 -31.47 17.53 6.69
N ASP A 140 -32.06 17.15 5.56
CA ASP A 140 -33.45 16.75 5.55
C ASP A 140 -33.66 15.29 5.90
N SER A 141 -34.05 15.04 7.15
CA SER A 141 -34.28 13.70 7.64
C SER A 141 -35.67 13.63 8.24
N ASN A 142 -36.19 12.42 8.42
CA ASN A 142 -37.50 12.26 9.02
C ASN A 142 -37.49 12.94 10.38
N LEU A 143 -36.31 12.97 11.01
CA LEU A 143 -36.15 13.59 12.31
C LEU A 143 -36.29 15.10 12.27
N GLN A 144 -35.63 15.74 11.31
CA GLN A 144 -35.69 17.20 11.18
C GLN A 144 -37.09 17.62 10.79
N ARG A 145 -37.75 16.80 9.95
CA ARG A 145 -39.10 17.08 9.50
C ARG A 145 -40.11 17.11 10.64
N THR A 146 -39.72 16.59 11.80
CA THR A 146 -40.62 16.58 12.96
C THR A 146 -40.53 17.94 13.63
N GLY A 147 -39.79 18.86 13.02
CA GLY A 147 -39.64 20.18 13.60
C GLY A 147 -38.17 20.47 13.87
N ASN A 148 -37.78 21.72 13.65
CA ASN A 148 -36.40 22.15 13.84
C ASN A 148 -35.92 22.04 15.29
N ASP A 149 -36.85 21.91 16.23
CA ASP A 149 -36.48 21.83 17.65
C ASP A 149 -36.14 20.44 18.16
N TRP A 150 -36.13 19.44 17.28
CA TRP A 150 -35.84 18.09 17.72
C TRP A 150 -34.50 17.95 18.45
N ILE A 151 -33.44 18.50 17.86
CA ILE A 151 -32.12 18.43 18.50
C ILE A 151 -32.22 18.94 19.94
N GLU A 152 -32.80 20.12 20.11
CA GLU A 152 -32.96 20.73 21.44
C GLU A 152 -33.77 19.81 22.36
N VAL A 153 -34.80 19.19 21.82
CA VAL A 153 -35.66 18.30 22.59
C VAL A 153 -34.86 17.07 23.02
N ALA A 154 -34.08 16.52 22.09
CA ALA A 154 -33.28 15.34 22.37
C ALA A 154 -32.31 15.59 23.54
N PHE A 155 -31.70 16.77 23.58
CA PHE A 155 -30.76 17.10 24.65
C PHE A 155 -31.43 17.31 26.00
N ARG A 156 -32.62 17.94 26.00
CA ARG A 156 -33.33 18.16 27.24
C ARG A 156 -33.74 16.80 27.81
N THR A 157 -34.25 15.93 26.95
CA THR A 157 -34.67 14.60 27.37
C THR A 157 -33.46 13.90 27.96
N ALA A 158 -32.35 13.94 27.21
CA ALA A 158 -31.10 13.31 27.61
C ALA A 158 -30.66 13.73 29.01
N ARG A 159 -30.58 15.04 29.25
CA ARG A 159 -30.17 15.53 30.55
C ARG A 159 -31.06 14.92 31.62
N ALA A 160 -32.34 14.79 31.30
CA ALA A 160 -33.31 14.24 32.21
C ALA A 160 -33.05 12.76 32.48
N ALA A 161 -32.92 11.99 31.41
CA ALA A 161 -32.67 10.55 31.54
C ALA A 161 -31.47 10.25 32.44
N ASP A 162 -30.36 10.96 32.22
CA ASP A 162 -29.16 10.75 33.02
C ASP A 162 -28.32 12.02 33.08
N PRO A 163 -28.44 12.78 34.18
CA PRO A 163 -27.69 14.03 34.39
C PRO A 163 -26.18 13.89 34.64
N ALA A 164 -25.73 12.67 34.92
CA ALA A 164 -24.30 12.45 35.19
C ALA A 164 -23.47 12.28 33.93
N ALA A 165 -24.12 12.06 32.79
CA ALA A 165 -23.41 11.88 31.54
C ALA A 165 -23.24 13.17 30.76
N LYS A 166 -22.06 13.36 30.18
CA LYS A 166 -21.81 14.53 29.38
C LYS A 166 -22.54 14.34 28.06
N LEU A 167 -23.36 15.31 27.69
CA LEU A 167 -24.13 15.23 26.45
C LEU A 167 -23.42 15.94 25.31
N CYS A 168 -23.10 15.21 24.25
CA CYS A 168 -22.40 15.79 23.11
C CYS A 168 -23.21 15.80 21.81
N TYR A 169 -22.84 16.73 20.94
CA TYR A 169 -23.44 16.80 19.61
C TYR A 169 -22.30 16.26 18.76
N ASN A 170 -22.55 15.21 17.99
CA ASN A 170 -21.47 14.60 17.19
C ASN A 170 -21.73 14.72 15.69
N ASP A 171 -20.69 15.06 14.94
CA ASP A 171 -20.83 15.20 13.49
C ASP A 171 -19.48 15.09 12.78
N TYR A 172 -19.53 15.05 11.44
CA TYR A 172 -18.31 14.98 10.65
C TYR A 172 -18.28 16.22 9.75
N ASN A 173 -17.12 16.49 9.15
CA ASN A 173 -16.96 17.67 8.29
C ASN A 173 -17.18 19.01 9.01
N ILE A 174 -17.06 19.01 10.34
CA ILE A 174 -17.18 20.26 11.09
C ILE A 174 -15.85 20.55 11.78
N GLU A 175 -14.76 20.09 11.17
CA GLU A 175 -13.42 20.30 11.71
C GLU A 175 -12.77 21.55 11.12
N ASN A 176 -13.02 21.79 9.84
CA ASN A 176 -12.47 22.95 9.16
C ASN A 176 -13.33 24.15 9.50
N TRP A 177 -12.72 25.16 10.12
CA TRP A 177 -13.43 26.35 10.54
C TRP A 177 -14.10 27.16 9.42
N THR A 178 -13.52 27.13 8.22
CA THR A 178 -14.07 27.89 7.11
C THR A 178 -15.33 27.28 6.52
N TRP A 179 -15.58 26.00 6.79
CA TRP A 179 -16.76 25.32 6.27
C TRP A 179 -18.06 25.77 6.87
N ALA A 180 -19.07 25.94 6.01
CA ALA A 180 -20.40 26.36 6.42
C ALA A 180 -21.00 25.41 7.43
N LYS A 181 -20.81 24.11 7.20
CA LYS A 181 -21.36 23.10 8.11
C LYS A 181 -20.87 23.41 9.52
N THR A 182 -19.56 23.65 9.63
CA THR A 182 -18.91 23.96 10.91
C THR A 182 -19.57 25.17 11.58
N GLN A 183 -19.75 26.24 10.80
CA GLN A 183 -20.36 27.46 11.31
C GLN A 183 -21.79 27.22 11.73
N GLY A 184 -22.50 26.39 10.97
CA GLY A 184 -23.88 26.07 11.30
C GLY A 184 -23.96 25.41 12.66
N VAL A 185 -23.05 24.47 12.92
CA VAL A 185 -23.03 23.78 14.20
C VAL A 185 -22.57 24.73 15.29
N TYR A 186 -21.61 25.59 14.96
CA TYR A 186 -21.10 26.56 15.94
C TYR A 186 -22.21 27.46 16.43
N ASN A 187 -22.97 28.03 15.49
CA ASN A 187 -24.06 28.92 15.86
C ASN A 187 -25.09 28.22 16.74
N MET A 188 -25.44 26.98 16.37
CA MET A 188 -26.42 26.24 17.16
C MET A 188 -25.95 26.08 18.60
N VAL A 189 -24.71 25.63 18.75
CA VAL A 189 -24.15 25.43 20.09
C VAL A 189 -24.07 26.75 20.84
N ARG A 190 -23.76 27.83 20.13
CA ARG A 190 -23.69 29.13 20.78
C ARG A 190 -25.10 29.44 21.29
N ASP A 191 -26.08 29.26 20.42
CA ASP A 191 -27.48 29.49 20.73
C ASP A 191 -27.90 28.69 21.96
N PHE A 192 -27.65 27.38 21.91
CA PHE A 192 -28.00 26.48 23.00
C PHE A 192 -27.44 26.93 24.35
N LYS A 193 -26.17 27.29 24.37
CA LYS A 193 -25.54 27.71 25.62
C LYS A 193 -26.14 29.02 26.13
N GLN A 194 -26.52 29.90 25.21
CA GLN A 194 -27.11 31.18 25.61
C GLN A 194 -28.53 30.98 26.13
N ARG A 195 -29.28 30.09 25.49
CA ARG A 195 -30.66 29.82 25.91
C ARG A 195 -30.73 28.81 27.04
N GLY A 196 -29.57 28.30 27.46
CA GLY A 196 -29.53 27.33 28.54
C GLY A 196 -29.85 25.90 28.13
N VAL A 197 -29.80 25.60 26.84
CA VAL A 197 -30.06 24.24 26.39
C VAL A 197 -28.96 23.34 26.96
N PRO A 198 -29.34 22.21 27.58
CA PRO A 198 -28.35 21.31 28.15
C PRO A 198 -27.52 20.58 27.09
N ILE A 199 -26.26 20.98 26.99
CA ILE A 199 -25.32 20.38 26.05
C ILE A 199 -23.96 20.64 26.69
N ASP A 200 -23.16 19.58 26.84
CA ASP A 200 -21.86 19.69 27.50
C ASP A 200 -20.63 19.53 26.61
N CYS A 201 -20.82 18.98 25.41
CA CYS A 201 -19.69 18.74 24.52
C CYS A 201 -20.05 18.62 23.05
N VAL A 202 -19.05 18.80 22.22
CA VAL A 202 -19.22 18.66 20.78
C VAL A 202 -18.18 17.66 20.29
N GLY A 203 -18.68 16.63 19.60
CA GLY A 203 -17.78 15.61 19.09
C GLY A 203 -17.42 15.84 17.65
N PHE A 204 -16.13 15.86 17.36
CA PHE A 204 -15.64 16.06 16.01
C PHE A 204 -15.16 14.69 15.53
N GLN A 205 -15.97 14.04 14.70
CA GLN A 205 -15.64 12.70 14.21
C GLN A 205 -14.22 12.62 13.67
N SER A 206 -13.80 13.66 12.98
CA SER A 206 -12.44 13.71 12.42
C SER A 206 -12.12 12.61 11.40
N HIS A 207 -12.96 12.44 10.39
CA HIS A 207 -12.69 11.45 9.36
C HIS A 207 -12.01 12.24 8.24
N PHE A 208 -10.68 12.27 8.27
CA PHE A 208 -9.91 13.02 7.26
C PHE A 208 -9.46 12.19 6.06
N ASN A 209 -9.55 12.79 4.88
CA ASN A 209 -9.15 12.16 3.63
C ASN A 209 -9.01 13.26 2.57
N SER A 210 -8.60 12.90 1.35
CA SER A 210 -8.43 13.92 0.31
C SER A 210 -9.73 14.67 0.02
N GLY A 211 -10.87 14.03 0.25
CA GLY A 211 -12.15 14.69 0.02
C GLY A 211 -12.40 15.80 1.01
N SER A 212 -12.05 15.55 2.27
CA SER A 212 -12.20 16.53 3.33
C SER A 212 -10.96 16.38 4.21
N PRO A 213 -9.85 16.99 3.78
CA PRO A 213 -8.56 16.94 4.47
C PRO A 213 -8.48 17.68 5.78
N TYR A 214 -7.55 17.24 6.62
CA TYR A 214 -7.31 17.87 7.90
C TYR A 214 -6.77 19.25 7.55
N ASN A 215 -7.00 20.21 8.44
CA ASN A 215 -6.49 21.54 8.22
C ASN A 215 -6.03 22.09 9.56
N SER A 216 -4.93 22.82 9.56
CA SER A 216 -4.39 23.35 10.79
C SER A 216 -5.42 24.21 11.54
N ASN A 217 -6.44 24.69 10.85
CA ASN A 217 -7.44 25.50 11.54
C ASN A 217 -8.32 24.66 12.44
N PHE A 218 -8.15 23.34 12.39
CA PHE A 218 -8.93 22.44 13.23
C PHE A 218 -8.78 22.85 14.69
N ARG A 219 -7.58 23.24 15.09
CA ARG A 219 -7.33 23.67 16.46
C ARG A 219 -8.15 24.92 16.77
N THR A 220 -8.25 25.81 15.80
CA THR A 220 -9.01 27.06 15.96
C THR A 220 -10.48 26.70 16.20
N THR A 221 -10.96 25.70 15.47
CA THR A 221 -12.33 25.25 15.61
C THR A 221 -12.57 24.76 17.04
N LEU A 222 -11.68 23.91 17.53
CA LEU A 222 -11.78 23.37 18.88
C LEU A 222 -11.77 24.46 19.93
N GLN A 223 -10.84 25.40 19.79
CA GLN A 223 -10.71 26.50 20.74
C GLN A 223 -11.98 27.37 20.73
N ASN A 224 -12.56 27.57 19.54
CA ASN A 224 -13.77 28.37 19.42
C ASN A 224 -14.93 27.71 20.14
N PHE A 225 -15.14 26.43 19.89
CA PHE A 225 -16.22 25.71 20.56
C PHE A 225 -15.92 25.67 22.06
N ALA A 226 -14.64 25.52 22.40
CA ALA A 226 -14.24 25.46 23.80
C ALA A 226 -14.61 26.76 24.51
N ALA A 227 -14.43 27.88 23.82
CA ALA A 227 -14.73 29.18 24.39
C ALA A 227 -16.22 29.35 24.69
N LEU A 228 -17.04 28.53 24.03
CA LEU A 228 -18.50 28.59 24.23
C LEU A 228 -18.89 27.97 25.54
N GLY A 229 -17.97 27.27 26.19
CA GLY A 229 -18.28 26.64 27.45
C GLY A 229 -18.62 25.16 27.34
N VAL A 230 -18.29 24.54 26.21
CA VAL A 230 -18.58 23.13 26.04
C VAL A 230 -17.26 22.40 25.83
N ASP A 231 -17.21 21.14 26.24
CA ASP A 231 -15.99 20.36 26.04
C ASP A 231 -15.94 19.92 24.59
N VAL A 232 -14.77 19.50 24.15
CA VAL A 232 -14.61 19.02 22.79
C VAL A 232 -13.93 17.66 22.86
N ALA A 233 -14.28 16.79 21.92
CA ALA A 233 -13.71 15.46 21.88
C ALA A 233 -13.55 15.01 20.43
N ILE A 234 -12.44 14.34 20.15
CA ILE A 234 -12.17 13.80 18.82
C ILE A 234 -12.72 12.39 18.94
N THR A 235 -13.87 12.17 18.31
CA THR A 235 -14.59 10.91 18.40
C THR A 235 -14.39 9.74 17.46
N GLU A 236 -14.08 9.97 16.20
CA GLU A 236 -13.93 8.86 15.26
C GLU A 236 -12.76 9.05 14.30
N LEU A 237 -11.62 9.44 14.86
CA LEU A 237 -10.44 9.69 14.06
C LEU A 237 -9.84 8.56 13.24
N ASP A 238 -9.67 8.86 11.96
CA ASP A 238 -8.99 7.99 11.01
C ASP A 238 -8.55 8.93 9.90
N ILE A 239 -7.32 8.73 9.45
CA ILE A 239 -6.74 9.57 8.43
C ILE A 239 -6.29 8.72 7.25
N GLN A 240 -6.86 8.98 6.09
CA GLN A 240 -6.52 8.24 4.88
C GLN A 240 -5.02 8.26 4.66
N GLY A 241 -4.39 7.08 4.69
CA GLY A 241 -2.96 6.99 4.51
C GLY A 241 -2.20 7.08 5.84
N ALA A 242 -2.92 7.39 6.91
CA ALA A 242 -2.32 7.51 8.23
C ALA A 242 -1.01 8.29 8.28
N SER A 243 -0.99 9.46 7.67
CA SER A 243 0.21 10.30 7.67
C SER A 243 0.64 10.56 9.12
N SER A 244 1.92 10.39 9.39
CA SER A 244 2.47 10.62 10.72
C SER A 244 2.30 12.07 11.19
N SER A 245 2.55 13.03 10.31
CA SER A 245 2.43 14.44 10.66
C SER A 245 0.99 14.81 10.98
N THR A 246 0.04 14.29 10.19
CA THR A 246 -1.36 14.60 10.40
C THR A 246 -1.87 14.01 11.72
N TYR A 247 -1.51 12.75 11.99
CA TYR A 247 -1.93 12.12 13.23
C TYR A 247 -1.35 12.89 14.42
N ALA A 248 -0.09 13.28 14.30
CA ALA A 248 0.58 14.03 15.36
C ALA A 248 -0.02 15.42 15.51
N ALA A 249 -0.43 16.00 14.38
CA ALA A 249 -1.03 17.33 14.39
C ALA A 249 -2.35 17.32 15.12
N VAL A 250 -3.21 16.36 14.79
CA VAL A 250 -4.52 16.24 15.44
C VAL A 250 -4.30 16.01 16.93
N THR A 251 -3.28 15.22 17.27
CA THR A 251 -2.97 14.93 18.67
C THR A 251 -2.58 16.22 19.39
N ASN A 252 -1.69 17.00 18.79
CA ASN A 252 -1.28 18.26 19.41
C ASN A 252 -2.42 19.28 19.47
N ASP A 253 -3.36 19.19 18.53
CA ASP A 253 -4.48 20.11 18.55
C ASP A 253 -5.27 19.90 19.83
N CYS A 254 -5.50 18.64 20.18
CA CYS A 254 -6.25 18.32 21.38
C CYS A 254 -5.47 18.70 22.65
N LEU A 255 -4.17 18.41 22.66
CA LEU A 255 -3.32 18.74 23.81
C LEU A 255 -3.24 20.25 24.01
N ALA A 256 -3.45 21.00 22.92
CA ALA A 256 -3.39 22.45 22.99
C ALA A 256 -4.70 23.03 23.49
N VAL A 257 -5.74 22.21 23.58
CA VAL A 257 -7.04 22.69 24.04
C VAL A 257 -7.39 22.09 25.40
N SER A 258 -7.38 22.95 26.41
CA SER A 258 -7.66 22.56 27.79
C SER A 258 -8.97 21.81 27.97
N ARG A 259 -9.93 22.06 27.08
CA ARG A 259 -11.24 21.43 27.15
C ARG A 259 -11.34 20.15 26.30
N CYS A 260 -10.29 19.83 25.55
CA CYS A 260 -10.34 18.63 24.74
C CYS A 260 -10.14 17.44 25.66
N LEU A 261 -11.22 16.71 25.88
CA LEU A 261 -11.22 15.55 26.77
C LEU A 261 -10.29 14.43 26.35
N GLY A 262 -10.20 14.22 25.04
CA GLY A 262 -9.35 13.15 24.54
C GLY A 262 -9.57 12.83 23.08
N ILE A 263 -8.90 11.78 22.61
CA ILE A 263 -8.97 11.35 21.23
C ILE A 263 -9.38 9.89 21.11
N THR A 264 -10.29 9.61 20.18
CA THR A 264 -10.75 8.24 19.92
C THR A 264 -10.52 7.98 18.43
N VAL A 265 -9.83 6.89 18.09
CA VAL A 265 -9.62 6.55 16.68
C VAL A 265 -10.68 5.51 16.39
N TRP A 266 -11.25 5.56 15.20
CA TRP A 266 -12.33 4.66 14.84
C TRP A 266 -11.92 3.27 14.38
N GLY A 267 -11.40 2.46 15.31
CA GLY A 267 -10.97 1.12 14.98
C GLY A 267 -9.61 0.79 15.56
N VAL A 268 -9.30 -0.51 15.67
CA VAL A 268 -8.01 -0.96 16.21
C VAL A 268 -6.97 -1.15 15.11
N ARG A 269 -7.17 -2.13 14.24
CA ARG A 269 -6.23 -2.39 13.13
C ARG A 269 -6.82 -1.89 11.81
N ASP A 270 -5.96 -1.67 10.82
CA ASP A 270 -6.45 -1.20 9.53
C ASP A 270 -7.47 -2.18 8.97
N THR A 271 -7.27 -3.47 9.23
CA THR A 271 -8.19 -4.47 8.73
C THR A 271 -9.55 -4.44 9.42
N ASP A 272 -9.63 -3.79 10.57
CA ASP A 272 -10.90 -3.68 11.31
C ASP A 272 -11.66 -2.42 10.89
N SER A 273 -10.96 -1.54 10.18
CA SER A 273 -11.53 -0.27 9.74
C SER A 273 -12.68 -0.37 8.74
N TRP A 274 -13.68 0.47 8.95
CA TRP A 274 -14.82 0.52 8.06
C TRP A 274 -14.30 1.02 6.71
N ARG A 275 -13.11 1.60 6.71
CA ARG A 275 -12.47 2.10 5.50
C ARG A 275 -11.03 1.60 5.41
N SER A 276 -10.87 0.27 5.48
CA SER A 276 -9.56 -0.37 5.41
C SER A 276 -8.75 0.03 4.17
N GLY A 277 -9.43 0.21 3.05
CA GLY A 277 -8.75 0.60 1.82
C GLY A 277 -7.93 1.86 2.00
N ASP A 278 -8.27 2.68 2.99
CA ASP A 278 -7.53 3.90 3.25
C ASP A 278 -6.48 3.69 4.35
N THR A 279 -6.33 2.45 4.84
CA THR A 279 -5.36 2.13 5.90
C THR A 279 -5.21 3.37 6.78
N PRO A 280 -6.31 3.83 7.38
CA PRO A 280 -6.34 5.02 8.23
C PRO A 280 -6.16 4.91 9.73
N LEU A 281 -5.72 3.76 10.22
CA LEU A 281 -5.54 3.62 11.66
C LEU A 281 -4.08 3.52 12.08
N LEU A 282 -3.85 3.17 13.35
CA LEU A 282 -2.50 3.12 13.90
C LEU A 282 -1.83 1.75 13.94
N PHE A 283 -2.59 0.70 13.61
CA PHE A 283 -2.02 -0.65 13.61
C PHE A 283 -2.29 -1.36 12.30
N ASN A 284 -1.30 -2.13 11.86
CA ASN A 284 -1.42 -2.91 10.63
C ASN A 284 -2.28 -4.13 10.90
N GLY A 285 -2.68 -4.82 9.84
CA GLY A 285 -3.51 -6.00 10.01
C GLY A 285 -2.77 -7.08 10.79
N ASP A 286 -1.46 -7.11 10.67
CA ASP A 286 -0.66 -8.12 11.38
C ASP A 286 -0.43 -7.72 12.83
N GLY A 287 -1.05 -6.62 13.25
CA GLY A 287 -0.94 -6.14 14.61
C GLY A 287 0.24 -5.25 14.95
N SER A 288 1.13 -5.03 13.98
CA SER A 288 2.31 -4.19 14.20
C SER A 288 2.01 -2.71 14.26
N LYS A 289 2.81 -1.98 15.04
CA LYS A 289 2.63 -0.54 15.19
C LYS A 289 3.11 0.17 13.93
N LYS A 290 2.25 1.06 13.42
CA LYS A 290 2.57 1.83 12.23
C LYS A 290 3.37 3.07 12.60
N ALA A 291 3.97 3.69 11.59
CA ALA A 291 4.76 4.90 11.78
C ALA A 291 3.98 5.94 12.58
N ALA A 292 2.72 6.16 12.19
CA ALA A 292 1.89 7.15 12.87
C ALA A 292 1.67 6.83 14.34
N TYR A 293 1.68 5.55 14.68
CA TYR A 293 1.48 5.16 16.07
C TYR A 293 2.53 5.82 16.94
N THR A 294 3.79 5.68 16.56
CA THR A 294 4.88 6.28 17.31
C THR A 294 4.77 7.80 17.28
N ALA A 295 4.31 8.35 16.16
CA ALA A 295 4.16 9.80 16.05
C ALA A 295 3.13 10.28 17.09
N VAL A 296 2.06 9.51 17.28
CA VAL A 296 1.03 9.88 18.25
C VAL A 296 1.55 9.73 19.68
N LEU A 297 2.20 8.60 19.96
CA LEU A 297 2.74 8.36 21.29
C LEU A 297 3.72 9.45 21.67
N ASN A 298 4.63 9.78 20.78
CA ASN A 298 5.61 10.83 21.05
C ASN A 298 4.92 12.15 21.34
N ALA A 299 3.87 12.45 20.59
CA ALA A 299 3.13 13.69 20.78
C ALA A 299 2.49 13.69 22.17
N LEU A 300 1.80 12.60 22.50
CA LEU A 300 1.14 12.48 23.81
C LEU A 300 2.12 12.63 24.96
N ASN A 301 3.33 12.09 24.77
CA ASN A 301 4.35 12.15 25.81
C ASN A 301 5.04 13.50 25.99
N GLY A 302 4.74 14.45 25.12
CA GLY A 302 5.34 15.76 25.27
C GLY A 302 6.36 16.19 24.23
N GLY A 303 6.35 15.54 23.07
CA GLY A 303 7.29 15.90 22.02
C GLY A 303 8.75 15.82 22.42
N SER A 304 9.62 16.29 21.52
CA SER A 304 11.06 16.27 21.74
C SER A 304 11.58 17.54 22.40
N SER A 305 12.70 17.42 23.11
CA SER A 305 13.31 18.54 23.79
C SER A 305 13.82 19.58 22.79
N THR A 306 14.04 19.13 21.55
CA THR A 306 14.53 20.00 20.48
C THR A 306 13.67 19.79 19.23
N PRO A 307 13.09 20.89 18.70
CA PRO A 307 12.25 20.85 17.50
C PRO A 307 12.81 19.95 16.39
N PRO A 308 12.05 18.89 16.02
CA PRO A 308 12.43 17.93 14.99
C PRO A 308 12.83 18.53 13.65
N PRO A 309 13.61 17.77 12.84
CA PRO A 309 14.10 18.17 11.52
C PRO A 309 12.97 18.39 10.52
N SER A 310 13.22 19.23 9.52
CA SER A 310 12.22 19.52 8.50
C SER A 310 12.67 19.05 7.12
N GLY A 311 12.58 17.74 6.89
CA GLY A 311 12.96 17.17 5.61
C GLY A 311 14.42 17.31 5.24
N GLY A 312 15.06 16.19 4.92
CA GLY A 312 16.46 16.20 4.53
C GLY A 312 17.42 16.56 5.64
N GLY A 313 17.89 15.55 6.36
CA GLY A 313 18.82 15.79 7.45
C GLY A 313 19.67 14.58 7.78
N GLN A 314 20.68 14.78 8.63
CA GLN A 314 21.57 13.70 9.02
C GLN A 314 21.02 12.88 10.17
N ILE A 315 21.53 11.65 10.30
CA ILE A 315 21.14 10.75 11.37
C ILE A 315 22.45 10.17 11.89
N LYS A 316 22.95 10.70 13.00
CA LYS A 316 24.20 10.20 13.54
C LYS A 316 24.00 9.26 14.72
N GLY A 317 24.81 8.22 14.75
CA GLY A 317 24.73 7.26 15.83
C GLY A 317 25.29 7.88 17.10
N VAL A 318 24.60 7.66 18.21
CA VAL A 318 25.02 8.20 19.49
C VAL A 318 26.36 7.60 19.92
N GLY A 319 26.45 6.28 19.89
CA GLY A 319 27.67 5.62 20.31
C GLY A 319 28.89 5.83 19.43
N SER A 320 28.69 6.11 18.15
CA SER A 320 29.81 6.29 17.24
C SER A 320 30.09 7.75 16.89
N GLY A 321 29.06 8.57 16.90
CA GLY A 321 29.23 9.96 16.54
C GLY A 321 29.32 10.09 15.02
N ARG A 322 29.05 8.98 14.33
CA ARG A 322 29.10 8.98 12.87
C ARG A 322 27.69 8.92 12.26
N CYS A 323 27.59 9.37 11.01
CA CYS A 323 26.32 9.43 10.29
C CYS A 323 25.93 8.26 9.37
N LEU A 324 24.62 8.07 9.23
CA LEU A 324 24.07 7.03 8.36
C LEU A 324 24.48 7.49 6.97
N ASP A 325 25.29 6.67 6.30
CA ASP A 325 25.87 7.01 5.01
C ASP A 325 25.73 5.92 3.95
N VAL A 326 25.39 6.30 2.73
CA VAL A 326 25.28 5.34 1.62
C VAL A 326 26.66 5.36 0.94
N PRO A 327 27.44 4.27 1.08
CA PRO A 327 28.77 4.15 0.48
C PRO A 327 28.94 4.73 -0.91
N ASN A 328 29.90 5.64 -1.04
CA ASN A 328 30.22 6.28 -2.31
C ASN A 328 29.06 6.95 -3.02
N ALA A 329 28.06 7.41 -2.27
CA ALA A 329 26.90 8.07 -2.87
C ALA A 329 26.29 7.17 -3.94
N SER A 330 26.46 5.87 -3.78
CA SER A 330 25.91 4.91 -4.73
C SER A 330 24.39 5.08 -4.73
N THR A 331 23.75 4.73 -5.84
CA THR A 331 22.30 4.83 -5.93
C THR A 331 21.74 3.49 -6.39
N THR A 332 22.58 2.47 -6.43
CA THR A 332 22.11 1.17 -6.87
C THR A 332 21.39 0.41 -5.75
N ASP A 333 20.23 -0.14 -6.09
CA ASP A 333 19.41 -0.91 -5.17
C ASP A 333 20.19 -2.09 -4.61
N GLY A 334 20.12 -2.26 -3.29
CA GLY A 334 20.82 -3.36 -2.65
C GLY A 334 22.06 -2.91 -1.91
N THR A 335 22.42 -1.64 -2.06
CA THR A 335 23.60 -1.11 -1.39
C THR A 335 23.32 -0.98 0.10
N GLN A 336 24.07 -1.70 0.93
CA GLN A 336 23.87 -1.65 2.38
C GLN A 336 24.49 -0.38 2.96
N VAL A 337 23.76 0.31 3.82
CA VAL A 337 24.26 1.54 4.42
C VAL A 337 25.30 1.29 5.50
N GLN A 338 26.08 2.32 5.79
CA GLN A 338 27.16 2.26 6.78
C GLN A 338 27.21 3.52 7.62
N LEU A 339 28.16 3.53 8.57
CA LEU A 339 28.41 4.68 9.42
C LEU A 339 29.62 5.37 8.80
N TYR A 340 29.61 6.70 8.78
CA TYR A 340 30.75 7.43 8.26
C TYR A 340 30.80 8.83 8.82
N ASP A 341 32.00 9.40 8.87
CA ASP A 341 32.16 10.75 9.38
C ASP A 341 31.15 11.69 8.76
N CYS A 342 30.39 12.37 9.61
CA CYS A 342 29.36 13.27 9.14
C CYS A 342 29.90 14.41 8.31
N HIS A 343 29.22 14.70 7.20
CA HIS A 343 29.60 15.79 6.33
C HIS A 343 28.44 16.10 5.40
N SER A 344 28.39 17.33 4.89
CA SER A 344 27.33 17.74 3.99
C SER A 344 27.47 16.98 2.68
N ALA A 345 26.46 16.18 2.36
CA ALA A 345 26.47 15.39 1.13
C ALA A 345 25.14 14.67 1.02
N THR A 346 24.59 14.60 -0.19
CA THR A 346 23.31 13.96 -0.41
C THR A 346 23.21 12.55 0.18
N ASN A 347 24.29 11.78 0.10
CA ASN A 347 24.28 10.41 0.61
C ASN A 347 24.24 10.30 2.14
N GLN A 348 24.00 11.43 2.80
CA GLN A 348 23.90 11.46 4.26
C GLN A 348 22.68 12.27 4.64
N GLN A 349 21.92 12.72 3.64
CA GLN A 349 20.73 13.51 3.87
C GLN A 349 19.47 12.65 3.78
N TRP A 350 18.90 12.32 4.94
CA TRP A 350 17.71 11.49 4.99
C TRP A 350 16.46 12.29 5.32
N THR A 351 15.39 12.03 4.58
CA THR A 351 14.13 12.72 4.82
C THR A 351 13.07 11.74 5.34
N TYR A 352 12.50 12.05 6.51
CA TYR A 352 11.47 11.20 7.08
C TYR A 352 10.14 11.66 6.48
N THR A 353 9.44 10.77 5.79
CA THR A 353 8.16 11.14 5.17
C THR A 353 6.97 10.80 6.07
N ASP A 354 5.80 11.36 5.75
CA ASP A 354 4.60 11.10 6.55
C ASP A 354 4.22 9.63 6.49
N ALA A 355 4.63 8.95 5.43
CA ALA A 355 4.32 7.53 5.30
C ALA A 355 5.30 6.71 6.12
N GLY A 356 6.31 7.37 6.70
CA GLY A 356 7.27 6.67 7.53
C GLY A 356 8.57 6.23 6.88
N GLU A 357 8.80 6.65 5.64
CA GLU A 357 10.02 6.29 4.94
C GLU A 357 11.18 7.21 5.32
N LEU A 358 12.39 6.72 5.07
CA LEU A 358 13.59 7.49 5.30
C LEU A 358 14.21 7.51 3.91
N ARG A 359 13.88 8.55 3.16
CA ARG A 359 14.32 8.72 1.79
C ARG A 359 15.68 9.36 1.61
N VAL A 360 16.32 9.02 0.50
CA VAL A 360 17.63 9.54 0.15
C VAL A 360 17.64 9.72 -1.37
N TYR A 361 18.33 10.77 -1.83
CA TYR A 361 18.42 11.09 -3.25
C TYR A 361 17.05 11.43 -3.84
N GLY A 362 16.02 11.43 -3.01
CA GLY A 362 14.70 11.75 -3.50
C GLY A 362 13.76 10.58 -3.76
N ASP A 363 14.26 9.48 -4.32
CA ASP A 363 13.39 8.34 -4.58
C ASP A 363 13.94 6.98 -4.11
N LYS A 364 14.96 7.00 -3.26
CA LYS A 364 15.52 5.78 -2.70
C LYS A 364 15.05 5.73 -1.24
N CYS A 365 14.80 4.52 -0.75
CA CYS A 365 14.30 4.33 0.61
C CYS A 365 15.13 3.42 1.51
N LEU A 366 15.22 3.76 2.80
CA LEU A 366 15.97 2.91 3.73
C LEU A 366 15.15 1.62 3.66
N ASP A 367 15.82 0.53 3.36
CA ASP A 367 15.14 -0.75 3.14
C ASP A 367 15.70 -1.95 3.90
N ALA A 368 14.81 -2.75 4.47
CA ALA A 368 15.21 -3.95 5.19
C ALA A 368 14.79 -5.17 4.39
N ALA A 369 15.77 -5.99 3.99
CA ALA A 369 15.48 -7.19 3.22
C ALA A 369 15.34 -8.38 4.15
N GLY A 370 14.19 -8.49 4.78
CA GLY A 370 13.97 -9.61 5.70
C GLY A 370 13.53 -9.06 7.05
N THR A 371 13.17 -9.97 7.96
CA THR A 371 12.71 -9.55 9.28
C THR A 371 13.51 -10.08 10.45
N GLY A 372 14.56 -10.85 10.17
CA GLY A 372 15.35 -11.40 11.26
C GLY A 372 16.58 -10.60 11.66
N ASN A 373 17.16 -10.93 12.82
CA ASN A 373 18.36 -10.24 13.28
C ASN A 373 19.42 -10.41 12.20
N GLY A 374 20.24 -9.38 12.00
CA GLY A 374 21.27 -9.49 10.99
C GLY A 374 20.84 -9.08 9.59
N THR A 375 19.55 -8.82 9.41
CA THR A 375 19.06 -8.38 8.11
C THR A 375 19.81 -7.12 7.74
N LYS A 376 20.39 -7.07 6.54
CA LYS A 376 21.11 -5.87 6.12
C LYS A 376 20.14 -4.73 5.84
N VAL A 377 20.55 -3.52 6.20
CA VAL A 377 19.76 -2.32 5.96
C VAL A 377 20.42 -1.67 4.74
N GLN A 378 19.62 -1.47 3.71
CA GLN A 378 20.10 -0.95 2.44
C GLN A 378 19.16 0.11 1.89
N ILE A 379 19.45 0.54 0.66
CA ILE A 379 18.60 1.49 -0.03
C ILE A 379 17.92 0.69 -1.13
N TYR A 380 16.70 1.07 -1.46
CA TYR A 380 15.94 0.37 -2.50
C TYR A 380 14.91 1.35 -3.01
N SER A 381 14.45 1.16 -4.24
CA SER A 381 13.44 2.04 -4.82
C SER A 381 12.26 2.13 -3.86
N CYS A 382 11.79 3.34 -3.61
CA CYS A 382 10.67 3.54 -2.72
C CYS A 382 9.37 3.01 -3.32
N TRP A 383 8.62 2.23 -2.55
CA TRP A 383 7.35 1.70 -3.04
C TRP A 383 6.28 1.58 -1.95
N GLY A 384 6.61 1.98 -0.73
CA GLY A 384 5.64 1.94 0.35
C GLY A 384 5.52 0.65 1.13
N GLY A 385 6.45 -0.29 0.93
CA GLY A 385 6.39 -1.54 1.67
C GLY A 385 6.67 -1.29 3.15
N ASP A 386 6.10 -2.13 4.01
CA ASP A 386 6.31 -1.99 5.46
C ASP A 386 7.76 -2.24 5.85
N ASN A 387 8.53 -2.87 4.96
CA ASN A 387 9.93 -3.12 5.24
C ASN A 387 10.71 -1.85 4.86
N GLN A 388 9.98 -0.81 4.47
CA GLN A 388 10.57 0.48 4.12
C GLN A 388 9.98 1.58 5.00
N LYS A 389 9.27 1.18 6.06
CA LYS A 389 8.68 2.15 6.96
C LYS A 389 9.34 2.01 8.32
N TRP A 390 9.57 3.14 8.97
CA TRP A 390 10.25 3.14 10.27
C TRP A 390 9.57 4.02 11.31
N ARG A 391 9.73 3.66 12.57
CA ARG A 391 9.17 4.42 13.67
C ARG A 391 10.31 5.10 14.43
N LEU A 392 10.16 6.40 14.66
CA LEU A 392 11.18 7.18 15.35
C LEU A 392 10.92 7.24 16.86
N ASN A 393 11.44 6.27 17.61
CA ASN A 393 11.23 6.26 19.05
C ASN A 393 11.82 7.48 19.73
N SER A 394 11.17 7.93 20.79
CA SER A 394 11.65 9.09 21.52
C SER A 394 12.98 8.81 22.22
N ASP A 395 13.32 7.53 22.37
CA ASP A 395 14.58 7.20 23.02
C ASP A 395 15.74 7.24 22.03
N GLY A 396 15.43 7.57 20.78
CA GLY A 396 16.46 7.66 19.76
C GLY A 396 16.61 6.44 18.88
N SER A 397 15.89 5.37 19.17
CA SER A 397 16.00 4.18 18.34
C SER A 397 15.05 4.28 17.15
N ILE A 398 15.42 3.63 16.06
CA ILE A 398 14.59 3.64 14.84
C ILE A 398 14.19 2.19 14.61
N VAL A 399 12.88 1.95 14.68
CA VAL A 399 12.34 0.60 14.55
C VAL A 399 11.65 0.33 13.23
N GLY A 400 11.95 -0.82 12.63
CA GLY A 400 11.31 -1.17 11.37
C GLY A 400 9.87 -1.60 11.63
N VAL A 401 8.92 -0.98 10.93
CA VAL A 401 7.51 -1.31 11.12
C VAL A 401 7.26 -2.81 10.95
N GLN A 402 7.65 -3.34 9.79
CA GLN A 402 7.45 -4.76 9.50
C GLN A 402 8.14 -5.72 10.47
N SER A 403 9.43 -5.52 10.69
CA SER A 403 10.21 -6.40 11.56
C SER A 403 10.07 -6.16 13.06
N GLY A 404 9.91 -4.90 13.45
CA GLY A 404 9.82 -4.60 14.87
C GLY A 404 11.23 -4.58 15.44
N LEU A 405 12.23 -4.62 14.55
CA LEU A 405 13.63 -4.58 14.97
C LEU A 405 14.23 -3.19 14.83
N CYS A 406 15.32 -2.95 15.55
CA CYS A 406 15.99 -1.66 15.56
C CYS A 406 17.16 -1.56 14.58
N LEU A 407 17.46 -0.34 14.11
CA LEU A 407 18.60 -0.13 13.24
C LEU A 407 19.76 -0.36 14.19
N ASP A 408 20.74 -1.15 13.77
CA ASP A 408 21.84 -1.52 14.64
C ASP A 408 23.22 -1.48 13.95
N ALA A 409 24.18 -0.83 14.60
CA ALA A 409 25.53 -0.75 14.06
C ALA A 409 26.17 -2.09 14.42
N VAL A 410 26.48 -2.88 13.40
CA VAL A 410 27.04 -4.22 13.59
C VAL A 410 28.15 -4.35 14.62
N GLY A 411 27.96 -5.28 15.56
CA GLY A 411 28.94 -5.52 16.59
C GLY A 411 29.26 -4.30 17.41
N GLY A 412 28.36 -3.33 17.42
CA GLY A 412 28.59 -2.11 18.17
C GLY A 412 29.74 -1.31 17.57
N GLY A 413 29.98 -1.53 16.28
CA GLY A 413 31.07 -0.83 15.60
C GLY A 413 30.87 0.67 15.60
N THR A 414 31.99 1.41 15.66
CA THR A 414 31.94 2.87 15.68
C THR A 414 32.80 3.47 14.58
N ALA A 415 33.65 2.64 13.99
CA ALA A 415 34.55 3.10 12.93
C ALA A 415 33.86 3.34 11.59
N ASN A 416 34.52 4.12 10.73
CA ASN A 416 33.98 4.37 9.39
C ASN A 416 33.88 3.01 8.73
N GLY A 417 32.81 2.78 7.98
CA GLY A 417 32.67 1.51 7.31
C GLY A 417 31.81 0.51 8.04
N THR A 418 31.45 0.80 9.30
CA THR A 418 30.60 -0.11 10.05
C THR A 418 29.28 -0.19 9.30
N LEU A 419 28.81 -1.40 9.05
CA LEU A 419 27.57 -1.61 8.32
C LEU A 419 26.38 -1.59 9.26
N ILE A 420 25.21 -1.29 8.71
CA ILE A 420 24.00 -1.23 9.51
C ILE A 420 23.11 -2.44 9.23
N GLN A 421 22.55 -3.00 10.30
CA GLN A 421 21.69 -4.16 10.22
C GLN A 421 20.47 -3.98 11.12
N LEU A 422 19.55 -4.94 11.07
CA LEU A 422 18.38 -4.93 11.93
C LEU A 422 18.72 -5.86 13.08
N TYR A 423 18.25 -5.54 14.28
CA TYR A 423 18.52 -6.41 15.42
C TYR A 423 17.57 -6.08 16.57
N SER A 424 17.30 -7.07 17.41
CA SER A 424 16.41 -6.87 18.56
C SER A 424 16.84 -5.60 19.25
N CYS A 425 15.89 -4.72 19.54
CA CYS A 425 16.18 -3.46 20.20
C CYS A 425 16.78 -3.73 21.57
N SER A 426 17.90 -3.08 21.86
CA SER A 426 18.60 -3.30 23.12
C SER A 426 18.89 -2.05 23.95
N ASN A 427 18.53 -0.89 23.42
CA ASN A 427 18.80 0.35 24.12
C ASN A 427 20.30 0.63 24.14
N GLY A 428 21.05 -0.16 23.36
CA GLY A 428 22.48 0.05 23.26
C GLY A 428 22.73 1.35 22.50
N SER A 429 23.91 1.93 22.68
CA SER A 429 24.26 3.19 22.02
C SER A 429 24.41 3.03 20.52
N ASN A 430 24.58 1.78 20.07
CA ASN A 430 24.75 1.50 18.64
C ASN A 430 23.37 1.28 18.01
N GLN A 431 22.32 1.60 18.76
CA GLN A 431 20.94 1.49 18.29
C GLN A 431 20.21 2.81 18.53
N ARG A 432 20.95 3.84 18.91
CA ARG A 432 20.36 5.15 19.17
C ARG A 432 20.92 6.19 18.22
N TRP A 433 20.06 7.10 17.79
CA TRP A 433 20.46 8.13 16.83
C TRP A 433 19.82 9.48 17.13
N THR A 434 20.48 10.54 16.67
CA THR A 434 19.96 11.89 16.84
C THR A 434 19.86 12.50 15.45
N ARG A 435 18.73 13.16 15.18
CA ARG A 435 18.51 13.76 13.87
C ARG A 435 18.67 15.28 13.88
N THR A 436 19.20 15.81 12.78
CA THR A 436 19.41 17.24 12.64
C THR A 436 18.49 17.77 11.54
N ALA B 1 -0.34 -3.05 -32.45
CA ALA B 1 0.87 -2.46 -33.08
C ALA B 1 1.84 -2.00 -32.00
N GLU B 2 1.48 -0.93 -31.31
CA GLU B 2 2.32 -0.38 -30.24
C GLU B 2 1.44 0.05 -29.08
N SER B 3 0.20 -0.43 -29.07
CA SER B 3 -0.76 -0.09 -28.02
C SER B 3 -0.83 -1.14 -26.91
N THR B 4 -0.43 -2.38 -27.22
CA THR B 4 -0.44 -3.47 -26.24
C THR B 4 0.95 -4.06 -26.09
N LEU B 5 1.23 -4.68 -24.94
CA LEU B 5 2.55 -5.25 -24.69
C LEU B 5 2.97 -6.29 -25.72
N GLY B 6 2.05 -7.20 -26.04
CA GLY B 6 2.38 -8.23 -27.01
C GLY B 6 2.72 -7.67 -28.38
N ALA B 7 1.88 -6.76 -28.87
CA ALA B 7 2.09 -6.16 -30.19
C ALA B 7 3.35 -5.29 -30.20
N ALA B 8 3.59 -4.55 -29.13
CA ALA B 8 4.78 -3.72 -29.06
C ALA B 8 6.02 -4.62 -29.10
N ALA B 9 6.02 -5.66 -28.27
CA ALA B 9 7.16 -6.60 -28.21
C ALA B 9 7.41 -7.24 -29.57
N ALA B 10 6.32 -7.48 -30.31
CA ALA B 10 6.40 -8.10 -31.62
C ALA B 10 7.13 -7.22 -32.63
N GLN B 11 7.24 -5.93 -32.34
CA GLN B 11 7.92 -5.01 -33.24
C GLN B 11 9.44 -5.12 -33.13
N SER B 12 9.91 -5.94 -32.19
CA SER B 12 11.36 -6.13 -32.06
C SER B 12 11.60 -7.63 -32.22
N GLY B 13 10.59 -8.32 -32.74
CA GLY B 13 10.69 -9.75 -32.96
C GLY B 13 10.56 -10.58 -31.69
N ARG B 14 9.99 -9.98 -30.65
CA ARG B 14 9.85 -10.67 -29.37
C ARG B 14 8.40 -10.80 -28.94
N TYR B 15 8.17 -11.59 -27.89
CA TYR B 15 6.84 -11.78 -27.36
C TYR B 15 6.80 -11.19 -25.97
N PHE B 16 5.59 -11.02 -25.45
CA PHE B 16 5.41 -10.56 -24.08
C PHE B 16 4.28 -11.42 -23.55
N GLY B 17 4.60 -12.26 -22.56
CA GLY B 17 3.61 -13.14 -21.99
C GLY B 17 3.32 -12.96 -20.52
N THR B 18 2.46 -13.83 -20.01
CA THR B 18 2.09 -13.83 -18.61
C THR B 18 1.85 -15.27 -18.19
N ALA B 19 1.55 -15.46 -16.92
CA ALA B 19 1.25 -16.78 -16.38
C ALA B 19 -0.26 -16.81 -16.19
N ILE B 20 -0.91 -17.82 -16.75
CA ILE B 20 -2.37 -17.96 -16.65
C ILE B 20 -2.75 -19.02 -15.62
N ALA B 21 -3.74 -18.69 -14.78
CA ALA B 21 -4.23 -19.63 -13.78
C ALA B 21 -5.62 -20.05 -14.25
N SER B 22 -5.83 -21.35 -14.44
CA SER B 22 -7.11 -21.86 -14.93
C SER B 22 -8.32 -21.43 -14.12
N GLY B 23 -8.19 -21.39 -12.81
CA GLY B 23 -9.31 -21.00 -11.97
C GLY B 23 -9.76 -19.56 -12.14
N LYS B 24 -8.96 -18.77 -12.86
CA LYS B 24 -9.28 -17.37 -13.06
C LYS B 24 -9.84 -17.07 -14.46
N LEU B 25 -9.82 -18.07 -15.35
CA LEU B 25 -10.31 -17.86 -16.71
C LEU B 25 -11.80 -17.62 -16.76
N GLY B 26 -12.47 -17.83 -15.63
CA GLY B 26 -13.90 -17.60 -15.56
C GLY B 26 -14.16 -16.16 -15.17
N ASP B 27 -13.08 -15.45 -14.80
CA ASP B 27 -13.15 -14.04 -14.41
C ASP B 27 -13.00 -13.20 -15.67
N SER B 28 -14.10 -12.60 -16.10
CA SER B 28 -14.10 -11.80 -17.32
C SER B 28 -13.08 -10.66 -17.36
N ALA B 29 -12.90 -9.96 -16.25
CA ALA B 29 -11.96 -8.85 -16.18
C ALA B 29 -10.52 -9.33 -16.39
N TYR B 30 -10.25 -10.53 -15.87
CA TYR B 30 -8.93 -11.15 -15.97
C TYR B 30 -8.63 -11.55 -17.41
N THR B 31 -9.56 -12.26 -18.03
CA THR B 31 -9.40 -12.71 -19.41
C THR B 31 -9.30 -11.54 -20.38
N THR B 32 -10.11 -10.51 -20.14
CA THR B 32 -10.10 -9.32 -20.99
C THR B 32 -8.68 -8.75 -21.04
N ILE B 33 -8.04 -8.61 -19.89
CA ILE B 33 -6.69 -8.09 -19.84
C ILE B 33 -5.70 -9.07 -20.43
N ALA B 34 -5.76 -10.30 -19.94
CA ALA B 34 -4.85 -11.36 -20.40
C ALA B 34 -4.87 -11.56 -21.91
N SER B 35 -6.06 -11.63 -22.49
CA SER B 35 -6.17 -11.85 -23.92
C SER B 35 -5.65 -10.68 -24.73
N ARG B 36 -5.91 -9.47 -24.25
CA ARG B 36 -5.47 -8.25 -24.95
C ARG B 36 -3.97 -7.92 -24.91
N GLU B 37 -3.36 -8.07 -23.74
CA GLU B 37 -1.96 -7.71 -23.57
C GLU B 37 -0.83 -8.69 -23.88
N PHE B 38 -1.11 -9.99 -23.81
CA PHE B 38 -0.06 -10.98 -24.05
C PHE B 38 -0.29 -11.89 -25.25
N ASN B 39 0.82 -12.38 -25.83
CA ASN B 39 0.77 -13.28 -26.97
C ASN B 39 1.53 -14.57 -26.66
N MET B 40 1.90 -14.74 -25.38
CA MET B 40 2.61 -15.93 -24.92
C MET B 40 2.04 -16.30 -23.55
N VAL B 41 1.82 -17.59 -23.31
CA VAL B 41 1.23 -18.04 -22.05
C VAL B 41 1.98 -19.17 -21.36
N THR B 42 2.01 -19.10 -20.03
CA THR B 42 2.64 -20.13 -19.22
C THR B 42 1.58 -20.54 -18.19
N ALA B 43 1.38 -21.85 -18.01
CA ALA B 43 0.43 -22.33 -17.02
C ALA B 43 1.12 -22.09 -15.69
N GLU B 44 0.50 -21.33 -14.79
CA GLU B 44 1.11 -21.03 -13.51
C GLU B 44 1.37 -22.26 -12.64
N ASN B 45 0.54 -23.29 -12.78
CA ASN B 45 0.68 -24.52 -12.00
C ASN B 45 0.19 -25.78 -12.70
N GLU B 46 -0.69 -25.61 -13.69
CA GLU B 46 -1.32 -26.71 -14.40
C GLU B 46 -0.48 -27.69 -15.20
N MET B 47 0.77 -27.38 -15.47
CA MET B 47 1.61 -28.31 -16.22
C MET B 47 2.77 -28.81 -15.38
N LYS B 48 2.70 -28.56 -14.08
CA LYS B 48 3.73 -29.00 -13.17
C LYS B 48 3.58 -30.50 -12.92
N ILE B 49 4.57 -31.08 -12.25
CA ILE B 49 4.60 -32.52 -12.00
C ILE B 49 3.38 -33.09 -11.28
N ASP B 50 3.07 -32.55 -10.11
CA ASP B 50 1.93 -33.04 -9.32
C ASP B 50 0.61 -32.92 -10.07
N ALA B 51 0.49 -31.91 -10.93
CA ALA B 51 -0.75 -31.71 -11.68
C ALA B 51 -0.89 -32.61 -12.90
N THR B 52 0.22 -33.02 -13.49
CA THR B 52 0.16 -33.86 -14.68
C THR B 52 0.31 -35.37 -14.46
N GLU B 53 0.83 -35.77 -13.30
CA GLU B 53 0.98 -37.19 -12.99
C GLU B 53 0.70 -37.39 -11.50
N PRO B 54 -0.59 -37.31 -11.10
CA PRO B 54 -1.11 -37.46 -9.74
C PRO B 54 -0.65 -38.75 -9.04
N GLN B 55 -0.70 -39.86 -9.78
CA GLN B 55 -0.23 -41.14 -9.29
C GLN B 55 0.78 -41.62 -10.32
N ARG B 56 1.77 -42.40 -9.87
CA ARG B 56 2.80 -42.88 -10.77
C ARG B 56 2.25 -43.68 -11.96
N GLY B 57 2.56 -43.22 -13.17
CA GLY B 57 2.11 -43.89 -14.38
C GLY B 57 0.77 -43.39 -14.87
N GLN B 58 0.12 -42.57 -14.05
CA GLN B 58 -1.18 -42.03 -14.41
C GLN B 58 -1.13 -40.53 -14.70
N PHE B 59 -1.19 -40.18 -15.97
CA PHE B 59 -1.14 -38.80 -16.39
C PHE B 59 -2.52 -38.16 -16.39
N ASN B 60 -2.54 -36.85 -16.20
CA ASN B 60 -3.79 -36.09 -16.16
C ASN B 60 -3.48 -34.70 -16.73
N PHE B 61 -4.11 -34.37 -17.85
CA PHE B 61 -3.86 -33.10 -18.51
C PHE B 61 -5.05 -32.16 -18.55
N SER B 62 -6.09 -32.49 -17.79
CA SER B 62 -7.30 -31.68 -17.76
C SER B 62 -7.00 -30.22 -17.43
N ALA B 63 -6.31 -29.98 -16.31
CA ALA B 63 -6.00 -28.62 -15.91
C ALA B 63 -5.06 -27.94 -16.91
N GLY B 64 -4.03 -28.65 -17.35
CA GLY B 64 -3.10 -28.10 -18.30
C GLY B 64 -3.74 -27.71 -19.62
N ASP B 65 -4.68 -28.54 -20.09
CA ASP B 65 -5.37 -28.29 -21.35
C ASP B 65 -6.33 -27.10 -21.28
N ARG B 66 -6.88 -26.82 -20.12
CA ARG B 66 -7.79 -25.68 -20.00
C ARG B 66 -6.98 -24.43 -20.34
N VAL B 67 -5.78 -24.34 -19.79
CA VAL B 67 -4.90 -23.21 -20.05
C VAL B 67 -4.51 -23.23 -21.53
N TYR B 68 -3.97 -24.36 -21.98
CA TYR B 68 -3.54 -24.50 -23.37
C TYR B 68 -4.66 -24.10 -24.35
N ASN B 69 -5.83 -24.71 -24.20
CA ASN B 69 -6.96 -24.42 -25.08
C ASN B 69 -7.25 -22.92 -25.15
N TRP B 70 -7.23 -22.25 -24.00
CA TRP B 70 -7.49 -20.82 -23.93
C TRP B 70 -6.39 -20.05 -24.64
N ALA B 71 -5.15 -20.51 -24.49
CA ALA B 71 -4.00 -19.86 -25.11
C ALA B 71 -4.11 -19.84 -26.64
N VAL B 72 -4.35 -21.01 -27.23
CA VAL B 72 -4.45 -21.09 -28.69
C VAL B 72 -5.68 -20.37 -29.21
N GLN B 73 -6.80 -20.52 -28.53
CA GLN B 73 -8.06 -19.89 -28.91
C GLN B 73 -7.91 -18.36 -28.97
N ASN B 74 -6.94 -17.84 -28.23
CA ASN B 74 -6.70 -16.40 -28.22
C ASN B 74 -5.39 -16.03 -28.88
N GLY B 75 -4.91 -16.92 -29.73
CA GLY B 75 -3.68 -16.67 -30.48
C GLY B 75 -2.38 -16.47 -29.72
N LYS B 76 -2.17 -17.21 -28.64
CA LYS B 76 -0.92 -17.07 -27.90
C LYS B 76 -0.11 -18.36 -28.02
N GLN B 77 1.20 -18.26 -27.94
CA GLN B 77 2.05 -19.44 -27.98
C GLN B 77 2.14 -19.85 -26.52
N VAL B 78 2.68 -21.04 -26.27
CA VAL B 78 2.75 -21.54 -24.90
C VAL B 78 4.13 -22.02 -24.47
N ARG B 79 4.47 -21.72 -23.21
CA ARG B 79 5.74 -22.20 -22.63
C ARG B 79 5.32 -23.31 -21.64
N GLY B 80 5.86 -24.51 -21.81
CA GLY B 80 5.54 -25.59 -20.90
C GLY B 80 6.36 -25.48 -19.62
N HIS B 81 5.67 -25.49 -18.47
CA HIS B 81 6.32 -25.36 -17.16
C HIS B 81 5.68 -26.32 -16.15
N THR B 82 6.42 -27.27 -15.59
CA THR B 82 7.84 -27.52 -15.85
C THR B 82 8.02 -29.04 -15.68
N LEU B 83 9.01 -29.63 -16.36
CA LEU B 83 9.17 -31.09 -16.34
C LEU B 83 9.92 -31.84 -15.23
N ALA B 84 11.01 -31.28 -14.71
CA ALA B 84 11.77 -31.94 -13.66
C ALA B 84 12.09 -30.88 -12.63
N TRP B 85 11.67 -31.10 -11.38
CA TRP B 85 11.84 -30.09 -10.36
C TRP B 85 11.74 -30.71 -8.96
N HIS B 86 12.52 -30.20 -8.01
CA HIS B 86 12.51 -30.71 -6.65
C HIS B 86 11.25 -30.28 -5.91
N SER B 87 10.63 -29.21 -6.39
CA SER B 87 9.44 -28.64 -5.75
C SER B 87 8.13 -29.06 -6.41
N GLN B 88 7.04 -28.95 -5.65
CA GLN B 88 5.70 -29.35 -6.07
C GLN B 88 5.63 -30.72 -6.75
N GLN B 89 6.41 -31.67 -6.23
CA GLN B 89 6.38 -33.02 -6.78
C GLN B 89 5.23 -33.71 -6.07
N PRO B 90 4.52 -34.60 -6.76
CA PRO B 90 3.42 -35.28 -6.08
C PRO B 90 4.04 -36.11 -4.97
N GLY B 91 3.26 -36.53 -3.98
CA GLY B 91 3.79 -37.32 -2.88
C GLY B 91 4.48 -38.61 -3.28
N TRP B 92 3.94 -39.31 -4.27
CA TRP B 92 4.54 -40.58 -4.71
C TRP B 92 5.96 -40.39 -5.23
N MET B 93 6.23 -39.22 -5.81
CA MET B 93 7.57 -38.95 -6.32
C MET B 93 8.50 -38.49 -5.21
N GLN B 94 7.95 -37.75 -4.25
CA GLN B 94 8.75 -37.27 -3.13
C GLN B 94 9.36 -38.45 -2.39
N SER B 95 8.64 -39.57 -2.39
CA SER B 95 9.09 -40.80 -1.73
C SER B 95 10.22 -41.51 -2.48
N LEU B 96 10.36 -41.22 -3.77
CA LEU B 96 11.37 -41.87 -4.58
C LEU B 96 12.78 -41.33 -4.41
N SER B 97 13.75 -42.18 -4.72
CA SER B 97 15.17 -41.84 -4.66
C SER B 97 15.92 -42.86 -5.51
N GLY B 98 17.19 -42.60 -5.76
CA GLY B 98 17.99 -43.53 -6.55
C GLY B 98 17.45 -43.78 -7.94
N SER B 99 17.79 -44.95 -8.50
CA SER B 99 17.37 -45.32 -9.84
C SER B 99 15.87 -45.35 -10.05
N THR B 100 15.10 -45.57 -8.98
CA THR B 100 13.65 -45.59 -9.12
C THR B 100 13.17 -44.19 -9.46
N LEU B 101 13.74 -43.20 -8.78
CA LEU B 101 13.38 -41.80 -9.02
C LEU B 101 13.85 -41.37 -10.40
N ARG B 102 15.05 -41.80 -10.79
CA ARG B 102 15.61 -41.44 -12.08
C ARG B 102 14.71 -41.84 -13.24
N GLN B 103 14.21 -43.07 -13.20
CA GLN B 103 13.33 -43.54 -14.27
C GLN B 103 11.97 -42.87 -14.19
N ALA B 104 11.51 -42.59 -12.96
CA ALA B 104 10.22 -41.91 -12.80
C ALA B 104 10.34 -40.56 -13.49
N MET B 105 11.48 -39.89 -13.27
CA MET B 105 11.75 -38.59 -13.86
C MET B 105 11.63 -38.71 -15.39
N ILE B 106 12.33 -39.69 -15.94
CA ILE B 106 12.29 -39.92 -17.38
C ILE B 106 10.87 -40.24 -17.85
N ASP B 107 10.19 -41.12 -17.12
CA ASP B 107 8.82 -41.48 -17.48
C ASP B 107 7.89 -40.27 -17.45
N HIS B 108 8.11 -39.37 -16.49
CA HIS B 108 7.26 -38.19 -16.40
C HIS B 108 7.46 -37.30 -17.61
N ILE B 109 8.72 -37.08 -17.96
CA ILE B 109 9.07 -36.24 -19.10
C ILE B 109 8.45 -36.76 -20.40
N ASN B 110 8.55 -38.06 -20.64
CA ASN B 110 7.99 -38.65 -21.85
C ASN B 110 6.47 -38.52 -21.92
N GLY B 111 5.80 -38.77 -20.80
CA GLY B 111 4.34 -38.67 -20.78
C GLY B 111 3.80 -37.27 -21.05
N VAL B 112 4.35 -36.27 -20.38
CA VAL B 112 3.89 -34.89 -20.55
C VAL B 112 4.24 -34.31 -21.91
N MET B 113 5.49 -34.48 -22.34
CA MET B 113 5.91 -33.97 -23.64
C MET B 113 5.18 -34.69 -24.76
N GLY B 114 4.96 -35.98 -24.57
CA GLY B 114 4.25 -36.77 -25.56
C GLY B 114 2.88 -36.17 -25.81
N HIS B 115 2.17 -35.90 -24.72
CA HIS B 115 0.82 -35.34 -24.77
C HIS B 115 0.79 -34.01 -25.52
N TYR B 116 1.77 -33.16 -25.26
CA TYR B 116 1.83 -31.84 -25.87
C TYR B 116 2.77 -31.75 -27.06
N LYS B 117 3.22 -32.90 -27.56
CA LYS B 117 4.15 -32.95 -28.68
C LYS B 117 3.79 -32.04 -29.85
N GLY B 118 4.70 -31.14 -30.18
CA GLY B 118 4.51 -30.22 -31.29
C GLY B 118 3.60 -29.04 -30.98
N LYS B 119 3.17 -28.92 -29.73
CA LYS B 119 2.29 -27.82 -29.37
C LYS B 119 2.96 -26.75 -28.49
N ILE B 120 4.14 -27.05 -27.96
CA ILE B 120 4.84 -26.11 -27.08
C ILE B 120 6.07 -25.43 -27.67
N ALA B 121 6.07 -24.10 -27.62
CA ALA B 121 7.19 -23.32 -28.15
C ALA B 121 8.46 -23.56 -27.33
N GLN B 122 8.35 -23.41 -26.01
CA GLN B 122 9.48 -23.63 -25.09
C GLN B 122 9.08 -24.50 -23.91
N TRP B 123 9.97 -25.39 -23.48
CA TRP B 123 9.70 -26.24 -22.32
C TRP B 123 10.75 -25.97 -21.23
N ASP B 124 10.29 -25.71 -20.01
CA ASP B 124 11.23 -25.53 -18.92
C ASP B 124 11.50 -26.96 -18.50
N VAL B 125 12.46 -27.60 -19.17
CA VAL B 125 12.80 -29.00 -18.92
C VAL B 125 13.19 -29.24 -17.48
N VAL B 126 14.16 -28.47 -16.99
CA VAL B 126 14.63 -28.59 -15.62
C VAL B 126 14.49 -27.23 -14.94
N ASN B 127 14.01 -27.23 -13.71
CA ASN B 127 13.81 -25.99 -12.96
C ASN B 127 14.56 -25.97 -11.62
N GLU B 128 15.16 -24.81 -11.30
CA GLU B 128 15.88 -24.57 -10.04
C GLU B 128 16.74 -25.71 -9.52
N ALA B 129 17.69 -26.17 -10.35
CA ALA B 129 18.56 -27.27 -9.95
C ALA B 129 19.80 -26.81 -9.20
N PHE B 130 20.01 -25.50 -9.13
CA PHE B 130 21.18 -25.01 -8.43
C PHE B 130 20.85 -24.46 -7.04
N SER B 131 21.79 -24.68 -6.13
CA SER B 131 21.65 -24.25 -4.74
C SER B 131 21.45 -22.76 -4.61
N ASP B 132 20.87 -22.37 -3.48
CA ASP B 132 20.63 -20.97 -3.19
C ASP B 132 21.44 -20.53 -1.97
N ASP B 133 22.40 -21.35 -1.55
CA ASP B 133 23.23 -21.01 -0.39
C ASP B 133 24.31 -19.99 -0.76
N GLY B 134 24.32 -19.58 -2.02
CA GLY B 134 25.29 -18.61 -2.48
C GLY B 134 26.65 -19.18 -2.85
N SER B 135 26.71 -20.49 -3.09
CA SER B 135 27.96 -21.14 -3.43
C SER B 135 28.06 -21.54 -4.91
N GLY B 136 26.94 -21.57 -5.60
CA GLY B 136 26.95 -21.92 -7.01
C GLY B 136 26.95 -23.40 -7.32
N GLY B 137 26.74 -24.23 -6.30
CA GLY B 137 26.71 -25.67 -6.52
C GLY B 137 25.30 -26.19 -6.74
N ARG B 138 25.17 -27.51 -6.87
CA ARG B 138 23.88 -28.15 -7.10
C ARG B 138 22.98 -28.12 -5.87
N ARG B 139 21.67 -28.00 -6.10
CA ARG B 139 20.71 -28.02 -5.01
C ARG B 139 20.62 -29.47 -4.53
N ASP B 140 20.54 -29.65 -3.22
CA ASP B 140 20.45 -30.99 -2.66
C ASP B 140 18.99 -31.45 -2.62
N SER B 141 18.63 -32.29 -3.57
CA SER B 141 17.27 -32.80 -3.66
C SER B 141 17.34 -34.28 -3.99
N ASN B 142 16.19 -34.96 -3.96
CA ASN B 142 16.19 -36.36 -4.30
C ASN B 142 16.72 -36.50 -5.74
N LEU B 143 16.33 -35.57 -6.61
CA LEU B 143 16.77 -35.60 -8.00
C LEU B 143 18.29 -35.53 -8.13
N GLN B 144 18.91 -34.52 -7.50
CA GLN B 144 20.36 -34.38 -7.55
C GLN B 144 21.04 -35.61 -6.94
N ARG B 145 20.39 -36.25 -5.98
CA ARG B 145 20.97 -37.43 -5.34
C ARG B 145 20.94 -38.69 -6.18
N THR B 146 20.25 -38.64 -7.32
CA THR B 146 20.22 -39.80 -8.19
C THR B 146 21.51 -39.79 -9.02
N GLY B 147 22.23 -38.68 -8.95
CA GLY B 147 23.47 -38.57 -9.71
C GLY B 147 23.56 -37.21 -10.37
N ASN B 148 24.76 -36.65 -10.42
CA ASN B 148 25.00 -35.33 -11.00
C ASN B 148 24.53 -35.18 -12.45
N ASP B 149 24.38 -36.30 -13.14
CA ASP B 149 23.97 -36.32 -14.53
C ASP B 149 22.46 -36.28 -14.79
N TRP B 150 21.66 -36.15 -13.74
CA TRP B 150 20.22 -36.14 -13.93
C TRP B 150 19.73 -35.03 -14.87
N ILE B 151 20.30 -33.83 -14.75
CA ILE B 151 19.90 -32.71 -15.60
C ILE B 151 20.17 -33.04 -17.07
N GLU B 152 21.35 -33.56 -17.34
CA GLU B 152 21.72 -33.93 -18.71
C GLU B 152 20.74 -34.96 -19.23
N VAL B 153 20.46 -35.97 -18.41
CA VAL B 153 19.53 -37.04 -18.77
C VAL B 153 18.14 -36.51 -19.07
N ALA B 154 17.72 -35.48 -18.32
CA ALA B 154 16.41 -34.88 -18.53
C ALA B 154 16.31 -34.21 -19.90
N PHE B 155 17.37 -33.49 -20.28
CA PHE B 155 17.42 -32.80 -21.56
C PHE B 155 17.48 -33.74 -22.75
N ARG B 156 18.31 -34.77 -22.66
CA ARG B 156 18.41 -35.73 -23.75
C ARG B 156 17.04 -36.38 -23.91
N THR B 157 16.38 -36.69 -22.79
CA THR B 157 15.06 -37.31 -22.85
C THR B 157 14.07 -36.36 -23.51
N ALA B 158 14.11 -35.09 -23.11
CA ALA B 158 13.19 -34.09 -23.66
C ALA B 158 13.33 -33.93 -25.17
N ARG B 159 14.57 -33.81 -25.65
CA ARG B 159 14.82 -33.64 -27.09
C ARG B 159 14.18 -34.77 -27.90
N ALA B 160 14.37 -35.99 -27.44
CA ALA B 160 13.83 -37.16 -28.11
C ALA B 160 12.30 -37.18 -28.06
N ALA B 161 11.73 -36.70 -26.96
CA ALA B 161 10.27 -36.68 -26.81
C ALA B 161 9.56 -35.69 -27.74
N ASP B 162 10.17 -34.53 -27.96
CA ASP B 162 9.59 -33.50 -28.82
C ASP B 162 10.71 -32.62 -29.38
N PRO B 163 11.32 -33.02 -30.49
CA PRO B 163 12.41 -32.27 -31.12
C PRO B 163 12.04 -30.87 -31.60
N ALA B 164 10.75 -30.58 -31.70
CA ALA B 164 10.30 -29.27 -32.16
C ALA B 164 10.34 -28.22 -31.07
N ALA B 165 10.28 -28.65 -29.82
CA ALA B 165 10.29 -27.73 -28.71
C ALA B 165 11.69 -27.25 -28.32
N LYS B 166 11.79 -25.98 -27.93
CA LYS B 166 13.05 -25.43 -27.47
C LYS B 166 13.17 -25.89 -26.02
N LEU B 167 14.32 -26.41 -25.66
CA LEU B 167 14.54 -26.92 -24.32
C LEU B 167 15.26 -25.90 -23.43
N CYS B 168 14.59 -25.45 -22.37
CA CYS B 168 15.19 -24.47 -21.47
C CYS B 168 15.51 -24.98 -20.07
N TYR B 169 16.52 -24.38 -19.46
CA TYR B 169 16.88 -24.67 -18.07
C TYR B 169 16.40 -23.37 -17.41
N ASN B 170 15.53 -23.48 -16.42
CA ASN B 170 14.95 -22.32 -15.73
C ASN B 170 15.41 -22.24 -14.26
N ASP B 171 15.54 -21.03 -13.72
CA ASP B 171 15.98 -20.83 -12.34
C ASP B 171 15.89 -19.35 -11.92
N TYR B 172 16.00 -19.10 -10.61
CA TYR B 172 15.94 -17.73 -10.08
C TYR B 172 17.28 -17.38 -9.43
N ASN B 173 17.49 -16.10 -9.15
CA ASN B 173 18.71 -15.62 -8.53
C ASN B 173 19.94 -15.89 -9.41
N ILE B 174 19.69 -16.02 -10.71
CA ILE B 174 20.76 -16.24 -11.67
C ILE B 174 20.81 -15.05 -12.63
N GLU B 175 20.30 -13.91 -12.16
CA GLU B 175 20.27 -12.69 -12.96
C GLU B 175 21.49 -11.80 -12.73
N ASN B 176 21.98 -11.76 -11.49
CA ASN B 176 23.15 -10.94 -11.16
C ASN B 176 24.42 -11.71 -11.46
N TRP B 177 25.19 -11.22 -12.42
CA TRP B 177 26.40 -11.92 -12.80
C TRP B 177 27.35 -12.21 -11.66
N THR B 178 27.40 -11.36 -10.64
CA THR B 178 28.31 -11.58 -9.52
C THR B 178 27.92 -12.73 -8.58
N TRP B 179 26.65 -13.14 -8.59
CA TRP B 179 26.25 -14.24 -7.72
C TRP B 179 26.84 -15.58 -8.18
N ALA B 180 27.26 -16.38 -7.22
CA ALA B 180 27.85 -17.69 -7.49
C ALA B 180 26.87 -18.59 -8.22
N LYS B 181 25.58 -18.43 -7.92
CA LYS B 181 24.56 -19.27 -8.56
C LYS B 181 24.55 -18.99 -10.06
N THR B 182 24.57 -17.72 -10.43
CA THR B 182 24.57 -17.35 -11.84
C THR B 182 25.74 -18.03 -12.59
N GLN B 183 26.92 -18.04 -11.97
CA GLN B 183 28.08 -18.63 -12.62
C GLN B 183 27.98 -20.15 -12.72
N GLY B 184 27.38 -20.78 -11.73
CA GLY B 184 27.24 -22.22 -11.74
C GLY B 184 26.40 -22.71 -12.91
N VAL B 185 25.29 -22.01 -13.16
CA VAL B 185 24.42 -22.39 -14.27
C VAL B 185 25.15 -22.12 -15.58
N TYR B 186 25.92 -21.02 -15.64
CA TYR B 186 26.66 -20.69 -16.84
C TYR B 186 27.61 -21.85 -17.16
N ASN B 187 28.36 -22.28 -16.15
CA ASN B 187 29.29 -23.37 -16.34
C ASN B 187 28.59 -24.62 -16.82
N MET B 188 27.42 -24.92 -16.26
CA MET B 188 26.71 -26.10 -16.69
C MET B 188 26.31 -26.00 -18.15
N VAL B 189 25.65 -24.90 -18.51
CA VAL B 189 25.22 -24.71 -19.88
C VAL B 189 26.41 -24.80 -20.84
N ARG B 190 27.51 -24.14 -20.46
CA ARG B 190 28.71 -24.16 -21.27
C ARG B 190 29.17 -25.60 -21.47
N ASP B 191 29.07 -26.40 -20.41
CA ASP B 191 29.47 -27.80 -20.48
C ASP B 191 28.58 -28.61 -21.40
N PHE B 192 27.28 -28.34 -21.34
CA PHE B 192 26.33 -29.06 -22.19
C PHE B 192 26.61 -28.79 -23.67
N LYS B 193 26.87 -27.54 -24.01
CA LYS B 193 27.13 -27.18 -25.40
C LYS B 193 28.41 -27.85 -25.91
N GLN B 194 29.47 -27.81 -25.11
CA GLN B 194 30.72 -28.41 -25.53
C GLN B 194 30.61 -29.92 -25.69
N ARG B 195 29.78 -30.57 -24.87
CA ARG B 195 29.62 -32.02 -24.95
C ARG B 195 28.47 -32.50 -25.81
N GLY B 196 27.68 -31.56 -26.33
CA GLY B 196 26.57 -31.93 -27.18
C GLY B 196 25.29 -32.32 -26.46
N VAL B 197 25.10 -31.80 -25.26
CA VAL B 197 23.87 -32.09 -24.51
C VAL B 197 22.86 -31.13 -25.11
N PRO B 198 21.67 -31.63 -25.48
CA PRO B 198 20.65 -30.74 -26.07
C PRO B 198 20.01 -29.73 -25.12
N ILE B 199 20.30 -28.46 -25.36
CA ILE B 199 19.73 -27.36 -24.58
C ILE B 199 19.68 -26.15 -25.51
N ASP B 200 18.51 -25.52 -25.62
CA ASP B 200 18.34 -24.39 -26.54
C ASP B 200 18.17 -23.04 -25.88
N CYS B 201 17.84 -23.02 -24.60
CA CYS B 201 17.59 -21.77 -23.90
C CYS B 201 17.80 -21.83 -22.41
N VAL B 202 17.94 -20.66 -21.81
CA VAL B 202 18.08 -20.54 -20.37
C VAL B 202 17.03 -19.51 -19.96
N GLY B 203 16.15 -19.91 -19.07
CA GLY B 203 15.11 -19.00 -18.59
C GLY B 203 15.53 -18.35 -17.30
N PHE B 204 15.48 -17.01 -17.26
CA PHE B 204 15.83 -16.27 -16.07
C PHE B 204 14.51 -15.83 -15.44
N GLN B 205 14.14 -16.47 -14.33
CA GLN B 205 12.87 -16.16 -13.68
C GLN B 205 12.67 -14.68 -13.41
N SER B 206 13.72 -13.99 -13.00
CA SER B 206 13.64 -12.56 -12.74
C SER B 206 12.62 -12.16 -11.68
N HIS B 207 12.64 -12.83 -10.53
CA HIS B 207 11.75 -12.49 -9.43
C HIS B 207 12.56 -11.51 -8.58
N PHE B 208 12.50 -10.23 -8.95
CA PHE B 208 13.26 -9.19 -8.25
C PHE B 208 12.58 -8.55 -7.03
N ASN B 209 13.35 -8.42 -5.95
CA ASN B 209 12.87 -7.81 -4.71
C ASN B 209 14.10 -7.27 -3.98
N SER B 210 13.90 -6.64 -2.82
CA SER B 210 15.03 -6.09 -2.09
C SER B 210 16.02 -7.15 -1.60
N GLY B 211 15.61 -8.40 -1.60
CA GLY B 211 16.51 -9.47 -1.18
C GLY B 211 17.40 -9.86 -2.36
N SER B 212 16.83 -9.79 -3.55
CA SER B 212 17.54 -10.13 -4.78
C SER B 212 17.16 -9.05 -5.77
N PRO B 213 17.75 -7.86 -5.60
CA PRO B 213 17.46 -6.71 -6.47
C PRO B 213 17.99 -6.80 -7.88
N TYR B 214 17.27 -6.15 -8.79
CA TYR B 214 17.69 -6.09 -10.17
C TYR B 214 19.02 -5.35 -10.17
N ASN B 215 19.91 -5.72 -11.08
CA ASN B 215 21.20 -5.05 -11.19
C ASN B 215 21.49 -4.86 -12.67
N SER B 216 21.98 -3.69 -13.04
CA SER B 216 22.28 -3.40 -14.43
C SER B 216 23.16 -4.45 -15.10
N ASN B 217 23.98 -5.16 -14.32
CA ASN B 217 24.83 -6.18 -14.94
C ASN B 217 24.02 -7.35 -15.52
N PHE B 218 22.70 -7.27 -15.38
CA PHE B 218 21.82 -8.29 -15.90
C PHE B 218 22.02 -8.39 -17.40
N ARG B 219 22.25 -7.25 -18.04
CA ARG B 219 22.45 -7.26 -19.48
C ARG B 219 23.66 -8.10 -19.86
N THR B 220 24.74 -7.98 -19.10
CA THR B 220 25.93 -8.77 -19.39
C THR B 220 25.61 -10.23 -19.16
N THR B 221 24.84 -10.52 -18.11
CA THR B 221 24.47 -11.91 -17.81
C THR B 221 23.78 -12.50 -19.03
N LEU B 222 22.82 -11.76 -19.59
CA LEU B 222 22.11 -12.23 -20.77
C LEU B 222 23.09 -12.42 -21.93
N GLN B 223 23.92 -11.42 -22.17
CA GLN B 223 24.92 -11.49 -23.25
C GLN B 223 25.81 -12.71 -23.05
N ASN B 224 26.31 -12.88 -21.84
CA ASN B 224 27.19 -14.00 -21.58
C ASN B 224 26.57 -15.34 -21.97
N PHE B 225 25.33 -15.59 -21.53
CA PHE B 225 24.68 -16.84 -21.87
C PHE B 225 24.41 -16.93 -23.37
N ALA B 226 23.90 -15.83 -23.95
CA ALA B 226 23.60 -15.79 -25.37
C ALA B 226 24.79 -16.23 -26.20
N ALA B 227 25.99 -15.86 -25.75
CA ALA B 227 27.24 -16.21 -26.42
C ALA B 227 27.53 -17.71 -26.43
N LEU B 228 26.96 -18.45 -25.49
CA LEU B 228 27.19 -19.89 -25.45
C LEU B 228 26.45 -20.58 -26.59
N GLY B 229 25.59 -19.83 -27.27
CA GLY B 229 24.84 -20.41 -28.38
C GLY B 229 23.48 -20.92 -27.96
N VAL B 230 22.83 -20.17 -27.07
CA VAL B 230 21.50 -20.54 -26.61
C VAL B 230 20.68 -19.26 -26.57
N ASP B 231 19.36 -19.40 -26.60
CA ASP B 231 18.51 -18.23 -26.52
C ASP B 231 18.31 -17.98 -25.04
N VAL B 232 17.85 -16.77 -24.70
CA VAL B 232 17.59 -16.44 -23.31
C VAL B 232 16.18 -15.88 -23.24
N ALA B 233 15.54 -16.02 -22.08
CA ALA B 233 14.19 -15.50 -21.88
C ALA B 233 13.92 -15.16 -20.42
N ILE B 234 13.24 -14.03 -20.22
CA ILE B 234 12.84 -13.58 -18.89
C ILE B 234 11.51 -14.30 -18.74
N THR B 235 11.51 -15.34 -17.92
CA THR B 235 10.33 -16.19 -17.75
C THR B 235 9.27 -15.95 -16.69
N GLU B 236 9.65 -15.37 -15.56
CA GLU B 236 8.69 -15.17 -14.47
C GLU B 236 8.82 -13.79 -13.83
N LEU B 237 8.95 -12.78 -14.68
CA LEU B 237 9.15 -11.42 -14.22
C LEU B 237 8.11 -10.78 -13.31
N ASP B 238 8.61 -10.28 -12.17
CA ASP B 238 7.84 -9.48 -11.20
C ASP B 238 8.84 -8.73 -10.34
N ILE B 239 8.54 -7.47 -10.06
CA ILE B 239 9.41 -6.60 -9.28
C ILE B 239 8.71 -6.08 -8.05
N GLN B 240 9.29 -6.33 -6.88
CA GLN B 240 8.72 -5.86 -5.62
C GLN B 240 8.59 -4.34 -5.68
N GLY B 241 7.37 -3.85 -5.58
CA GLY B 241 7.15 -2.41 -5.65
C GLY B 241 6.85 -1.96 -7.06
N ALA B 242 7.21 -2.80 -8.03
CA ALA B 242 6.97 -2.51 -9.45
C ALA B 242 7.53 -1.17 -9.92
N SER B 243 8.77 -0.90 -9.54
CA SER B 243 9.42 0.34 -9.95
C SER B 243 9.29 0.51 -11.46
N SER B 244 8.94 1.71 -11.92
CA SER B 244 8.80 1.98 -13.35
C SER B 244 10.16 1.84 -14.03
N SER B 245 11.20 2.36 -13.38
CA SER B 245 12.56 2.32 -13.90
C SER B 245 13.10 0.90 -14.02
N THR B 246 12.88 0.09 -13.00
CA THR B 246 13.36 -1.27 -13.02
C THR B 246 12.64 -2.08 -14.10
N TYR B 247 11.33 -1.89 -14.20
CA TYR B 247 10.60 -2.62 -15.24
C TYR B 247 11.14 -2.19 -16.61
N ALA B 248 11.43 -0.91 -16.77
CA ALA B 248 11.95 -0.40 -18.04
C ALA B 248 13.37 -0.91 -18.31
N ALA B 249 14.18 -1.01 -17.26
CA ALA B 249 15.55 -1.47 -17.39
C ALA B 249 15.61 -2.92 -17.89
N VAL B 250 14.83 -3.79 -17.26
CA VAL B 250 14.76 -5.19 -17.64
C VAL B 250 14.36 -5.31 -19.11
N THR B 251 13.31 -4.58 -19.48
CA THR B 251 12.83 -4.60 -20.85
C THR B 251 13.96 -4.20 -21.80
N ASN B 252 14.64 -3.11 -21.49
CA ASN B 252 15.72 -2.66 -22.36
C ASN B 252 16.87 -3.64 -22.42
N ASP B 253 17.11 -4.37 -21.33
CA ASP B 253 18.17 -5.36 -21.33
C ASP B 253 17.83 -6.48 -22.31
N CYS B 254 16.59 -6.96 -22.29
CA CYS B 254 16.18 -8.03 -23.19
C CYS B 254 16.29 -7.55 -24.63
N LEU B 255 15.80 -6.35 -24.88
CA LEU B 255 15.85 -5.75 -26.23
C LEU B 255 17.27 -5.47 -26.69
N ALA B 256 18.20 -5.45 -25.74
CA ALA B 256 19.61 -5.20 -26.05
C ALA B 256 20.35 -6.47 -26.44
N VAL B 257 19.71 -7.62 -26.23
CA VAL B 257 20.35 -8.89 -26.57
C VAL B 257 19.50 -9.57 -27.64
N SER B 258 20.05 -9.69 -28.84
CA SER B 258 19.32 -10.28 -29.95
C SER B 258 18.74 -11.65 -29.64
N ARG B 259 19.42 -12.41 -28.80
CA ARG B 259 18.97 -13.75 -28.43
C ARG B 259 17.90 -13.78 -27.34
N CYS B 260 17.52 -12.62 -26.80
CA CYS B 260 16.49 -12.59 -25.79
C CYS B 260 15.14 -12.74 -26.52
N LEU B 261 14.53 -13.90 -26.36
CA LEU B 261 13.28 -14.21 -27.04
C LEU B 261 12.07 -13.39 -26.65
N GLY B 262 11.93 -13.09 -25.36
CA GLY B 262 10.78 -12.32 -24.93
C GLY B 262 10.74 -12.20 -23.42
N ILE B 263 9.66 -11.59 -22.93
CA ILE B 263 9.47 -11.36 -21.50
C ILE B 263 8.10 -11.83 -21.03
N THR B 264 8.09 -12.64 -19.97
CA THR B 264 6.85 -13.14 -19.40
C THR B 264 6.73 -12.66 -17.95
N VAL B 265 5.65 -11.96 -17.62
CA VAL B 265 5.46 -11.52 -16.24
C VAL B 265 4.65 -12.60 -15.54
N TRP B 266 5.01 -12.88 -14.29
CA TRP B 266 4.34 -13.93 -13.54
C TRP B 266 2.98 -13.53 -12.98
N GLY B 267 2.03 -13.27 -13.88
CA GLY B 267 0.69 -12.88 -13.46
C GLY B 267 0.13 -11.68 -14.20
N VAL B 268 -1.18 -11.49 -14.06
CA VAL B 268 -1.87 -10.39 -14.71
C VAL B 268 -2.02 -9.21 -13.73
N ARG B 269 -2.90 -9.34 -12.75
CA ARG B 269 -3.12 -8.29 -11.75
C ARG B 269 -2.39 -8.60 -10.45
N ASP B 270 -2.04 -7.56 -9.70
CA ASP B 270 -1.34 -7.77 -8.43
C ASP B 270 -2.10 -8.76 -7.55
N THR B 271 -3.42 -8.70 -7.60
CA THR B 271 -4.26 -9.58 -6.80
C THR B 271 -4.15 -11.05 -7.22
N ASP B 272 -3.64 -11.28 -8.43
CA ASP B 272 -3.46 -12.64 -8.97
C ASP B 272 -2.09 -13.20 -8.64
N SER B 273 -1.20 -12.32 -8.18
CA SER B 273 0.18 -12.70 -7.88
C SER B 273 0.39 -13.64 -6.70
N TRP B 274 1.40 -14.51 -6.84
CA TRP B 274 1.73 -15.44 -5.78
C TRP B 274 2.35 -14.61 -4.64
N ARG B 275 2.61 -13.33 -4.94
CA ARG B 275 3.18 -12.40 -3.97
C ARG B 275 2.50 -11.03 -4.13
N SER B 276 1.17 -11.03 -4.01
CA SER B 276 0.39 -9.82 -4.13
C SER B 276 0.89 -8.78 -3.16
N GLY B 277 1.37 -9.23 -2.00
CA GLY B 277 1.90 -8.33 -1.00
C GLY B 277 2.97 -7.39 -1.53
N ASP B 278 3.72 -7.83 -2.53
CA ASP B 278 4.76 -6.99 -3.11
C ASP B 278 4.23 -6.18 -4.31
N THR B 279 2.91 -6.21 -4.53
CA THR B 279 2.29 -5.50 -5.68
C THR B 279 3.35 -5.42 -6.76
N PRO B 280 3.83 -6.58 -7.23
CA PRO B 280 4.87 -6.69 -8.24
C PRO B 280 4.52 -6.78 -9.72
N LEU B 281 3.25 -6.69 -10.08
CA LEU B 281 2.90 -6.80 -11.49
C LEU B 281 2.57 -5.47 -12.16
N LEU B 282 2.08 -5.54 -13.40
CA LEU B 282 1.77 -4.34 -14.17
C LEU B 282 0.32 -3.86 -14.09
N PHE B 283 -0.58 -4.69 -13.56
CA PHE B 283 -1.99 -4.31 -13.43
C PHE B 283 -2.52 -4.36 -12.00
N ASN B 284 -3.36 -3.39 -11.67
CA ASN B 284 -3.98 -3.31 -10.34
C ASN B 284 -5.09 -4.34 -10.19
N GLY B 285 -5.62 -4.46 -8.98
CA GLY B 285 -6.68 -5.42 -8.74
C GLY B 285 -7.95 -5.05 -9.47
N ASP B 286 -8.15 -3.75 -9.68
CA ASP B 286 -9.35 -3.29 -10.39
C ASP B 286 -9.15 -3.40 -11.90
N GLY B 287 -7.96 -3.84 -12.30
CA GLY B 287 -7.68 -4.01 -13.72
C GLY B 287 -7.04 -2.85 -14.43
N SER B 288 -6.76 -1.77 -13.70
CA SER B 288 -6.16 -0.60 -14.32
C SER B 288 -4.65 -0.73 -14.46
N LYS B 289 -4.11 -0.09 -15.49
CA LYS B 289 -2.68 -0.11 -15.75
C LYS B 289 -1.93 0.71 -14.71
N LYS B 290 -0.78 0.20 -14.29
CA LYS B 290 0.05 0.89 -13.31
C LYS B 290 1.08 1.72 -14.08
N ALA B 291 1.72 2.65 -13.38
CA ALA B 291 2.71 3.50 -14.01
C ALA B 291 3.78 2.65 -14.69
N ALA B 292 4.07 1.48 -14.12
CA ALA B 292 5.07 0.59 -14.65
C ALA B 292 4.63 -0.03 -15.98
N TYR B 293 3.32 -0.20 -16.15
CA TYR B 293 2.84 -0.75 -17.41
C TYR B 293 3.26 0.21 -18.52
N THR B 294 3.01 1.49 -18.31
CA THR B 294 3.35 2.50 -19.30
C THR B 294 4.85 2.52 -19.56
N ALA B 295 5.64 2.38 -18.49
CA ALA B 295 7.09 2.36 -18.61
C ALA B 295 7.55 1.20 -19.48
N VAL B 296 6.95 0.03 -19.28
CA VAL B 296 7.32 -1.15 -20.06
C VAL B 296 6.97 -0.94 -21.53
N LEU B 297 5.73 -0.54 -21.78
CA LEU B 297 5.24 -0.30 -23.13
C LEU B 297 6.10 0.73 -23.87
N ASN B 298 6.39 1.84 -23.20
CA ASN B 298 7.21 2.89 -23.81
C ASN B 298 8.58 2.33 -24.17
N ALA B 299 9.14 1.49 -23.31
CA ALA B 299 10.44 0.89 -23.59
C ALA B 299 10.34 -0.04 -24.79
N LEU B 300 9.30 -0.87 -24.81
CA LEU B 300 9.07 -1.81 -25.91
C LEU B 300 8.99 -1.04 -27.22
N ASN B 301 8.35 0.13 -27.20
CA ASN B 301 8.22 0.97 -28.38
C ASN B 301 9.49 1.79 -28.67
N GLY B 302 10.55 1.51 -27.91
CA GLY B 302 11.81 2.21 -28.12
C GLY B 302 12.07 3.41 -27.21
N GLY B 303 11.05 3.82 -26.47
CA GLY B 303 11.19 4.95 -25.57
C GLY B 303 11.20 6.27 -26.31
N SER B 304 11.70 7.32 -25.66
CA SER B 304 11.77 8.65 -26.26
C SER B 304 13.22 9.01 -26.55
N SER B 305 13.43 9.83 -27.57
CA SER B 305 14.78 10.24 -27.95
C SER B 305 15.27 11.37 -27.06
N THR B 306 14.41 11.79 -26.12
CA THR B 306 14.75 12.85 -25.18
C THR B 306 14.58 12.34 -23.75
N PRO B 307 15.70 12.27 -23.00
CA PRO B 307 15.73 11.79 -21.60
C PRO B 307 14.75 12.51 -20.67
N PRO B 308 14.05 11.75 -19.82
CA PRO B 308 13.09 12.30 -18.86
C PRO B 308 13.78 13.17 -17.80
N PRO B 309 13.04 14.13 -17.23
CA PRO B 309 13.56 15.04 -16.20
C PRO B 309 14.18 14.29 -15.02
N SER B 310 15.50 14.16 -15.02
CA SER B 310 16.21 13.47 -13.96
C SER B 310 16.08 14.24 -12.65
N GLY B 311 15.05 13.90 -11.87
CA GLY B 311 14.83 14.57 -10.60
C GLY B 311 14.37 16.00 -10.74
N GLY B 312 13.20 16.30 -10.18
CA GLY B 312 12.67 17.66 -10.25
C GLY B 312 12.34 18.09 -11.67
N GLY B 313 11.66 19.23 -11.80
CA GLY B 313 11.29 19.72 -13.11
C GLY B 313 9.88 20.28 -13.15
N GLN B 314 9.56 20.99 -14.21
CA GLN B 314 8.24 21.58 -14.37
C GLN B 314 7.42 20.84 -15.41
N ILE B 315 6.11 21.00 -15.34
CA ILE B 315 5.19 20.38 -16.28
C ILE B 315 4.38 21.49 -16.94
N LYS B 316 4.61 21.69 -18.24
CA LYS B 316 3.90 22.73 -18.97
C LYS B 316 2.95 22.15 -20.01
N GLY B 317 1.71 22.62 -19.99
CA GLY B 317 0.72 22.13 -20.94
C GLY B 317 0.98 22.75 -22.30
N VAL B 318 0.82 21.96 -23.36
CA VAL B 318 1.03 22.45 -24.71
C VAL B 318 0.04 23.55 -25.06
N GLY B 319 -1.24 23.24 -24.97
CA GLY B 319 -2.27 24.23 -25.26
C GLY B 319 -2.55 25.10 -24.05
N SER B 320 -1.50 25.78 -23.57
CA SER B 320 -1.62 26.65 -22.41
C SER B 320 -0.30 27.36 -22.13
N GLY B 321 0.81 26.69 -22.43
CA GLY B 321 2.11 27.29 -22.19
C GLY B 321 2.41 27.45 -20.72
N ARG B 322 1.36 27.44 -19.90
CA ARG B 322 1.52 27.59 -18.45
C ARG B 322 2.01 26.30 -17.80
N CYS B 323 2.67 26.43 -16.65
CA CYS B 323 3.19 25.29 -15.92
C CYS B 323 2.29 24.92 -14.74
N LEU B 324 2.20 23.63 -14.46
CA LEU B 324 1.39 23.15 -13.34
C LEU B 324 1.89 23.90 -12.12
N ASP B 325 1.00 24.66 -11.49
CA ASP B 325 1.38 25.45 -10.33
C ASP B 325 0.46 25.30 -9.13
N VAL B 326 1.06 25.27 -7.94
CA VAL B 326 0.31 25.16 -6.69
C VAL B 326 0.09 26.58 -6.17
N PRO B 327 -1.18 27.02 -6.13
CA PRO B 327 -1.55 28.36 -5.67
C PRO B 327 -0.73 28.91 -4.52
N ASN B 328 -0.14 30.09 -4.74
CA ASN B 328 0.67 30.77 -3.73
C ASN B 328 1.70 29.88 -3.07
N ALA B 329 2.16 28.85 -3.77
CA ALA B 329 3.15 27.92 -3.22
C ALA B 329 2.70 27.37 -1.86
N SER B 330 1.39 27.29 -1.67
CA SER B 330 0.82 26.77 -0.43
C SER B 330 1.26 25.33 -0.22
N THR B 331 1.08 24.83 1.00
CA THR B 331 1.45 23.46 1.31
C THR B 331 0.30 22.79 2.05
N THR B 332 -0.86 23.43 2.00
CA THR B 332 -2.04 22.91 2.67
C THR B 332 -2.75 21.85 1.83
N ASP B 333 -2.96 20.68 2.42
CA ASP B 333 -3.62 19.59 1.73
C ASP B 333 -5.00 20.02 1.26
N GLY B 334 -5.35 19.62 0.04
CA GLY B 334 -6.64 19.97 -0.52
C GLY B 334 -6.57 21.16 -1.45
N THR B 335 -5.38 21.76 -1.57
CA THR B 335 -5.19 22.91 -2.44
C THR B 335 -5.19 22.50 -3.91
N GLN B 336 -6.23 22.90 -4.64
CA GLN B 336 -6.34 22.59 -6.05
C GLN B 336 -5.24 23.28 -6.83
N VAL B 337 -4.55 22.51 -7.69
CA VAL B 337 -3.46 23.07 -8.49
C VAL B 337 -4.01 23.85 -9.68
N GLN B 338 -3.17 24.71 -10.25
CA GLN B 338 -3.56 25.56 -11.37
C GLN B 338 -2.46 25.64 -12.41
N LEU B 339 -2.68 26.52 -13.38
CA LEU B 339 -1.72 26.78 -14.44
C LEU B 339 -1.19 28.17 -14.16
N TYR B 340 0.07 28.41 -14.52
CA TYR B 340 0.66 29.73 -14.31
C TYR B 340 1.99 29.86 -15.03
N ASP B 341 2.41 31.10 -15.23
CA ASP B 341 3.67 31.38 -15.90
C ASP B 341 4.79 30.58 -15.24
N CYS B 342 5.58 29.88 -16.06
CA CYS B 342 6.66 29.04 -15.59
C CYS B 342 7.85 29.79 -14.97
N HIS B 343 7.85 29.92 -13.65
CA HIS B 343 8.98 30.58 -12.99
C HIS B 343 9.79 29.57 -12.18
N SER B 344 10.98 29.97 -11.75
CA SER B 344 11.87 29.11 -10.98
C SER B 344 11.49 29.00 -9.51
N ALA B 345 10.38 28.31 -9.24
CA ALA B 345 9.91 28.12 -7.86
C ALA B 345 9.62 26.64 -7.60
N THR B 346 9.73 26.23 -6.34
CA THR B 346 9.49 24.84 -5.97
C THR B 346 8.03 24.44 -6.11
N ASN B 347 7.12 25.39 -5.95
CA ASN B 347 5.69 25.10 -6.07
C ASN B 347 5.33 24.82 -7.52
N GLN B 348 6.35 24.48 -8.30
CA GLN B 348 6.18 24.16 -9.72
C GLN B 348 7.16 23.06 -10.10
N GLN B 349 7.90 22.57 -9.11
CA GLN B 349 8.88 21.51 -9.30
C GLN B 349 8.26 20.15 -8.98
N TRP B 350 7.91 19.40 -10.02
CA TRP B 350 7.29 18.10 -9.84
C TRP B 350 8.23 16.95 -10.17
N THR B 351 8.28 15.96 -9.28
CA THR B 351 9.11 14.78 -9.46
C THR B 351 8.26 13.54 -9.69
N TYR B 352 8.53 12.84 -10.79
CA TYR B 352 7.80 11.61 -11.10
C TYR B 352 8.57 10.44 -10.50
N THR B 353 8.01 9.85 -9.45
CA THR B 353 8.65 8.74 -8.75
C THR B 353 8.43 7.40 -9.46
N ASP B 354 9.26 6.42 -9.12
CA ASP B 354 9.14 5.10 -9.71
C ASP B 354 7.81 4.45 -9.35
N ALA B 355 7.17 4.96 -8.30
CA ALA B 355 5.89 4.44 -7.85
C ALA B 355 4.73 5.05 -8.63
N GLY B 356 5.04 6.07 -9.44
CA GLY B 356 4.02 6.70 -10.25
C GLY B 356 3.43 7.99 -9.70
N GLU B 357 4.05 8.54 -8.67
CA GLU B 357 3.57 9.78 -8.08
C GLU B 357 4.20 11.00 -8.72
N LEU B 358 3.51 12.13 -8.56
CA LEU B 358 3.97 13.42 -9.04
C LEU B 358 4.10 14.24 -7.76
N ARG B 359 5.30 14.21 -7.17
CA ARG B 359 5.55 14.90 -5.92
C ARG B 359 6.06 16.33 -6.04
N VAL B 360 5.59 17.16 -5.12
CA VAL B 360 5.98 18.56 -5.05
C VAL B 360 6.21 18.85 -3.58
N TYR B 361 7.27 19.60 -3.28
CA TYR B 361 7.65 19.95 -1.90
C TYR B 361 8.40 18.81 -1.23
N GLY B 362 8.56 17.70 -1.95
CA GLY B 362 9.28 16.57 -1.40
C GLY B 362 8.40 15.49 -0.80
N ASP B 363 7.26 15.85 -0.24
CA ASP B 363 6.40 14.86 0.36
C ASP B 363 4.89 15.12 0.18
N LYS B 364 4.55 15.94 -0.81
CA LYS B 364 3.16 16.23 -1.11
C LYS B 364 2.91 15.59 -2.46
N CYS B 365 1.72 15.01 -2.63
CA CYS B 365 1.39 14.32 -3.87
C CYS B 365 0.23 14.88 -4.66
N LEU B 366 0.35 14.85 -5.98
CA LEU B 366 -0.73 15.29 -6.86
C LEU B 366 -1.81 14.27 -6.50
N ASP B 367 -2.97 14.77 -6.07
CA ASP B 367 -4.06 13.93 -5.60
C ASP B 367 -5.39 14.17 -6.30
N ALA B 368 -6.15 13.09 -6.47
CA ALA B 368 -7.46 13.18 -7.10
C ALA B 368 -8.50 12.79 -6.06
N ALA B 369 -9.36 13.74 -5.70
CA ALA B 369 -10.40 13.50 -4.71
C ALA B 369 -11.67 12.97 -5.37
N GLY B 370 -11.52 11.92 -6.17
CA GLY B 370 -12.66 11.35 -6.87
C GLY B 370 -12.23 10.74 -8.18
N THR B 371 -13.17 10.12 -8.88
CA THR B 371 -12.85 9.48 -10.16
C THR B 371 -13.61 10.04 -11.37
N GLY B 372 -14.73 10.69 -11.12
CA GLY B 372 -15.52 11.23 -12.22
C GLY B 372 -14.98 12.51 -12.83
N ASN B 373 -15.59 12.93 -13.93
CA ASN B 373 -15.18 14.15 -14.63
C ASN B 373 -15.38 15.37 -13.74
N GLY B 374 -14.47 16.34 -13.87
CA GLY B 374 -14.57 17.54 -13.07
C GLY B 374 -13.86 17.45 -11.74
N THR B 375 -13.54 16.23 -11.31
CA THR B 375 -12.85 16.03 -10.04
C THR B 375 -11.66 16.96 -9.98
N LYS B 376 -11.59 17.75 -8.92
CA LYS B 376 -10.49 18.69 -8.78
C LYS B 376 -9.19 18.00 -8.39
N VAL B 377 -8.13 18.35 -9.10
CA VAL B 377 -6.81 17.80 -8.84
C VAL B 377 -6.13 18.74 -7.86
N GLN B 378 -5.65 18.17 -6.76
CA GLN B 378 -5.03 18.93 -5.70
C GLN B 378 -3.77 18.24 -5.23
N ILE B 379 -3.19 18.74 -4.14
CA ILE B 379 -2.02 18.11 -3.55
C ILE B 379 -2.53 17.55 -2.22
N TYR B 380 -1.95 16.44 -1.78
CA TYR B 380 -2.36 15.80 -0.53
C TYR B 380 -1.15 15.01 -0.05
N SER B 381 -1.08 14.74 1.26
CA SER B 381 0.04 13.99 1.80
C SER B 381 0.21 12.67 1.05
N CYS B 382 1.43 12.39 0.61
CA CYS B 382 1.72 11.17 -0.12
C CYS B 382 1.50 9.93 0.71
N TRP B 383 0.68 9.01 0.25
CA TRP B 383 0.46 7.78 0.99
C TRP B 383 0.40 6.55 0.10
N GLY B 384 0.50 6.74 -1.20
CA GLY B 384 0.49 5.59 -2.10
C GLY B 384 -0.81 5.20 -2.75
N GLY B 385 -1.89 5.90 -2.42
CA GLY B 385 -3.18 5.57 -3.01
C GLY B 385 -3.15 5.67 -4.52
N ASP B 386 -3.96 4.88 -5.22
CA ASP B 386 -3.99 4.93 -6.68
C ASP B 386 -4.49 6.27 -7.21
N ASN B 387 -5.13 7.06 -6.34
CA ASN B 387 -5.63 8.36 -6.75
C ASN B 387 -4.47 9.35 -6.68
N GLN B 388 -3.29 8.83 -6.41
CA GLN B 388 -2.08 9.64 -6.33
C GLN B 388 -1.05 9.11 -7.31
N LYS B 389 -1.43 8.08 -8.06
CA LYS B 389 -0.55 7.47 -9.05
C LYS B 389 -0.95 7.96 -10.45
N TRP B 390 0.06 8.20 -11.30
CA TRP B 390 -0.22 8.70 -12.64
C TRP B 390 0.65 8.01 -13.69
N ARG B 391 0.13 7.96 -14.91
CA ARG B 391 0.84 7.35 -16.03
C ARG B 391 1.09 8.42 -17.08
N LEU B 392 2.34 8.53 -17.51
CA LEU B 392 2.73 9.53 -18.50
C LEU B 392 2.75 8.90 -19.89
N ASN B 393 1.62 9.02 -20.59
CA ASN B 393 1.50 8.46 -21.92
C ASN B 393 2.41 9.14 -22.93
N SER B 394 2.73 8.41 -23.99
CA SER B 394 3.60 8.90 -25.04
C SER B 394 3.01 10.11 -25.79
N ASP B 395 1.69 10.24 -25.77
CA ASP B 395 1.05 11.35 -26.46
C ASP B 395 1.02 12.64 -25.64
N GLY B 396 1.86 12.70 -24.61
CA GLY B 396 1.94 13.87 -23.77
C GLY B 396 0.85 14.01 -22.72
N SER B 397 -0.03 13.02 -22.62
CA SER B 397 -1.10 13.08 -21.64
C SER B 397 -0.71 12.38 -20.33
N ILE B 398 -1.29 12.84 -19.22
CA ILE B 398 -1.02 12.27 -17.90
C ILE B 398 -2.37 11.77 -17.38
N VAL B 399 -2.54 10.45 -17.35
CA VAL B 399 -3.79 9.85 -16.89
C VAL B 399 -3.69 9.25 -15.50
N GLY B 400 -4.74 9.44 -14.70
CA GLY B 400 -4.76 8.91 -13.35
C GLY B 400 -5.03 7.42 -13.32
N VAL B 401 -4.17 6.68 -12.62
CA VAL B 401 -4.32 5.24 -12.52
C VAL B 401 -5.71 4.82 -12.05
N GLN B 402 -6.13 5.33 -10.90
CA GLN B 402 -7.42 4.97 -10.34
C GLN B 402 -8.61 5.44 -11.18
N SER B 403 -8.59 6.72 -11.56
CA SER B 403 -9.68 7.31 -12.33
C SER B 403 -9.72 6.87 -13.79
N GLY B 404 -8.53 6.80 -14.40
CA GLY B 404 -8.46 6.44 -15.80
C GLY B 404 -8.67 7.70 -16.60
N LEU B 405 -8.76 8.84 -15.90
CA LEU B 405 -8.96 10.14 -16.53
C LEU B 405 -7.67 10.92 -16.66
N CYS B 406 -7.67 11.88 -17.58
CA CYS B 406 -6.50 12.72 -17.86
C CYS B 406 -6.51 14.07 -17.15
N LEU B 407 -5.32 14.59 -16.87
CA LEU B 407 -5.21 15.91 -16.26
C LEU B 407 -5.78 16.87 -17.28
N ASP B 408 -6.66 17.77 -16.85
CA ASP B 408 -7.30 18.68 -17.78
C ASP B 408 -7.50 20.10 -17.26
N ALA B 409 -7.13 21.08 -18.09
CA ALA B 409 -7.30 22.48 -17.75
C ALA B 409 -8.76 22.80 -17.99
N VAL B 410 -9.47 23.18 -16.92
CA VAL B 410 -10.90 23.49 -17.01
C VAL B 410 -11.27 24.30 -18.23
N GLY B 411 -12.38 23.94 -18.86
CA GLY B 411 -12.87 24.63 -20.03
C GLY B 411 -11.78 25.14 -20.97
N GLY B 412 -10.84 24.27 -21.33
CA GLY B 412 -9.78 24.66 -22.22
C GLY B 412 -9.05 25.91 -21.76
N GLY B 413 -9.11 26.21 -20.46
CA GLY B 413 -8.45 27.38 -19.93
C GLY B 413 -6.97 27.37 -20.30
N THR B 414 -6.39 28.57 -20.41
CA THR B 414 -4.98 28.68 -20.76
C THR B 414 -4.30 29.83 -20.03
N ALA B 415 -5.11 30.73 -19.48
CA ALA B 415 -4.58 31.88 -18.74
C ALA B 415 -4.21 31.49 -17.32
N ASN B 416 -3.30 32.25 -16.72
CA ASN B 416 -2.86 31.99 -15.35
C ASN B 416 -4.05 31.82 -14.42
N GLY B 417 -3.97 30.86 -13.51
CA GLY B 417 -5.05 30.64 -12.57
C GLY B 417 -6.07 29.58 -12.95
N THR B 418 -5.97 29.04 -14.15
CA THR B 418 -6.92 28.00 -14.58
C THR B 418 -6.72 26.76 -13.70
N LEU B 419 -7.82 26.28 -13.12
CA LEU B 419 -7.76 25.11 -12.25
C LEU B 419 -7.60 23.82 -13.03
N ILE B 420 -6.96 22.84 -12.41
CA ILE B 420 -6.75 21.53 -13.04
C ILE B 420 -7.75 20.51 -12.49
N GLN B 421 -8.34 19.72 -13.38
CA GLN B 421 -9.31 18.71 -12.98
C GLN B 421 -9.09 17.43 -13.77
N LEU B 422 -9.93 16.43 -13.50
CA LEU B 422 -9.85 15.14 -14.19
C LEU B 422 -10.98 15.08 -15.21
N TYR B 423 -10.65 14.76 -16.45
CA TYR B 423 -11.66 14.65 -17.49
C TYR B 423 -11.24 13.60 -18.50
N SER B 424 -12.23 13.00 -19.15
CA SER B 424 -11.96 11.98 -20.17
C SER B 424 -10.88 12.47 -21.11
N CYS B 425 -9.87 11.64 -21.33
CA CYS B 425 -8.77 11.99 -22.22
C CYS B 425 -9.33 12.36 -23.59
N SER B 426 -8.66 13.26 -24.29
CA SER B 426 -9.14 13.68 -25.60
C SER B 426 -8.08 14.26 -26.53
N ASN B 427 -6.82 13.91 -26.31
CA ASN B 427 -5.73 14.42 -27.14
C ASN B 427 -5.78 15.94 -27.26
N GLY B 428 -6.69 16.56 -26.51
CA GLY B 428 -6.82 18.00 -26.55
C GLY B 428 -5.59 18.67 -25.96
N SER B 429 -5.20 19.81 -26.52
CA SER B 429 -4.03 20.55 -26.06
C SER B 429 -4.09 20.85 -24.57
N ASN B 430 -5.30 20.87 -24.00
CA ASN B 430 -5.47 21.15 -22.59
C ASN B 430 -5.31 19.87 -21.77
N GLN B 431 -4.68 18.86 -22.36
CA GLN B 431 -4.45 17.59 -21.69
C GLN B 431 -3.08 17.01 -22.06
N ARG B 432 -2.29 17.77 -22.80
CA ARG B 432 -0.94 17.33 -23.17
C ARG B 432 0.03 18.19 -22.39
N TRP B 433 1.04 17.56 -21.81
CA TRP B 433 2.02 18.29 -21.02
C TRP B 433 3.45 17.93 -21.39
N THR B 434 4.32 18.93 -21.37
CA THR B 434 5.73 18.75 -21.70
C THR B 434 6.57 19.03 -20.47
N ARG B 435 7.71 18.36 -20.39
CA ARG B 435 8.60 18.54 -19.25
C ARG B 435 10.06 18.51 -19.67
N THR B 436 10.85 19.41 -19.07
CA THR B 436 12.27 19.51 -19.38
C THR B 436 13.02 19.92 -18.10
#